data_6TAC
#
_entry.id   6TAC
#
_cell.length_a   61.017
_cell.length_b   106.666
_cell.length_c   83.549
_cell.angle_alpha   90.000
_cell.angle_beta   96.623
_cell.angle_gamma   90.000
#
_symmetry.space_group_name_H-M   'P 1 21 1'
#
loop_
_entity.id
_entity.type
_entity.pdbx_description
1 polymer 'Nicotinamide phosphoribosyltransferase'
2 non-polymer GLYCEROL
3 non-polymer 'MAGNESIUM ION'
4 non-polymer 'BETA-NICOTINAMIDE RIBOSE MONOPHOSPHATE'
5 non-polymer PYROPHOSPHATE
6 water water
#
_entity_poly.entity_id   1
_entity_poly.type   'polypeptide(L)'
_entity_poly.pdbx_seq_one_letter_code
;MRGSHHHHHHGSMNPAAEAEFNILLATDSYKVTHYKQYPPNTSKVYSYFECREVKYEETVFYGLQYILNKYLKGKVVTKE
KIQEAKDVYKEHFQDDVFNEKGWNYILEKYDGHLPIEIKAVPEGFVIPRGNVLFTVENTDPECYWLTNWIETILVQSWYP
ITVATNSREQKKILAKYLLETSGNLDGLEYKLHDFGYRGVSSQETAGIGASAHLVNFKGTDTVAGLALIKKYYGTKDPVP
GYSVPAAEHSTITAWGKDHEKDAFEHIVTQFSSVPVSVVSDSYDIYNACEKIWGEDLRHLIVSRSTQAPLIIRPDSGNPL
DTVLKVLEILGKKFPVTENSKGYKLLPPYLRVIQGDGVDINTLQEIVEGMKQKMWSIENIAFGSGGGLLQKLTRDLLNCS
FKCSYVVTNGLGINVFKDPVADPNKRSKKGRLSLHRTPAGNFVTLEEGKGDLEEYGQDLLHTVFKNGKVTKSYSFDEIRK
NAQLNIELEAAHH
;
_entity_poly.pdbx_strand_id   A,B
#
loop_
_chem_comp.id
_chem_comp.type
_chem_comp.name
_chem_comp.formula
GOL non-polymer GLYCEROL 'C3 H8 O3'
MG non-polymer 'MAGNESIUM ION' 'Mg 2'
NMN non-polymer 'BETA-NICOTINAMIDE RIBOSE MONOPHOSPHATE' 'C11 H16 N2 O8 P 1'
PPV non-polymer PYROPHOSPHATE 'H4 O7 P2'
#
# COMPACT_ATOMS: atom_id res chain seq x y z
N GLU A 20 7.99 6.28 -19.13
CA GLU A 20 8.41 7.56 -18.58
C GLU A 20 7.25 8.22 -17.80
N PHE A 21 7.51 8.48 -16.53
CA PHE A 21 6.56 9.18 -15.68
C PHE A 21 6.26 10.57 -16.24
N ASN A 22 4.99 10.95 -16.18
CA ASN A 22 4.51 12.22 -16.69
C ASN A 22 3.71 12.91 -15.59
N ILE A 23 4.28 13.98 -15.02
N ILE A 23 4.27 13.99 -15.02
CA ILE A 23 3.62 14.68 -13.92
CA ILE A 23 3.61 14.67 -13.91
C ILE A 23 2.27 15.26 -14.32
C ILE A 23 2.28 15.28 -14.32
N LEU A 24 2.05 15.49 -15.62
CA LEU A 24 0.77 15.99 -16.08
C LEU A 24 -0.33 14.95 -15.96
N LEU A 25 0.04 13.68 -15.82
CA LEU A 25 -0.87 12.57 -15.61
C LEU A 25 -0.77 12.00 -14.21
N ALA A 26 -0.16 12.74 -13.27
CA ALA A 26 0.03 12.23 -11.90
C ALA A 26 -0.66 13.10 -10.86
N THR A 27 -1.91 13.46 -11.15
CA THR A 27 -2.76 14.19 -10.23
C THR A 27 -4.15 13.57 -10.24
N ASP A 28 -4.96 13.92 -9.25
CA ASP A 28 -6.36 13.53 -9.27
C ASP A 28 -7.03 14.19 -10.46
N SER A 29 -7.89 13.44 -11.14
CA SER A 29 -8.54 13.97 -12.34
C SER A 29 -9.17 15.34 -12.10
N TYR A 30 -9.91 15.53 -11.00
CA TYR A 30 -10.62 16.80 -10.86
C TYR A 30 -9.68 18.00 -10.80
N LYS A 31 -8.42 17.79 -10.41
CA LYS A 31 -7.51 18.92 -10.34
C LYS A 31 -7.19 19.46 -11.74
N VAL A 32 -7.41 18.65 -12.77
CA VAL A 32 -7.25 19.13 -14.14
C VAL A 32 -8.20 20.30 -14.41
N THR A 33 -9.31 20.36 -13.68
CA THR A 33 -10.35 21.37 -13.94
C THR A 33 -10.30 22.56 -12.99
N HIS A 34 -9.39 22.56 -12.01
CA HIS A 34 -9.42 23.58 -10.97
C HIS A 34 -8.96 24.95 -11.45
N TYR A 35 -8.14 25.02 -12.50
CA TYR A 35 -7.66 26.34 -12.93
C TYR A 35 -8.81 27.24 -13.35
N LYS A 36 -9.94 26.67 -13.72
CA LYS A 36 -11.15 27.41 -14.08
C LYS A 36 -12.02 27.77 -12.87
N GLN A 37 -11.64 27.37 -11.65
CA GLN A 37 -12.54 27.47 -10.50
C GLN A 37 -12.07 28.48 -9.47
N TYR A 38 -10.79 28.80 -9.45
CA TYR A 38 -10.29 29.77 -8.49
C TYR A 38 -10.82 31.16 -8.83
N PRO A 39 -10.80 32.08 -7.87
CA PRO A 39 -11.24 33.47 -8.16
C PRO A 39 -10.42 34.09 -9.28
N PRO A 40 -11.05 34.87 -10.15
CA PRO A 40 -10.27 35.61 -11.15
C PRO A 40 -9.21 36.49 -10.49
N ASN A 41 -8.07 36.63 -11.19
CA ASN A 41 -6.98 37.48 -10.75
C ASN A 41 -6.31 36.94 -9.49
N THR A 42 -6.24 35.61 -9.35
CA THR A 42 -5.48 34.97 -8.28
C THR A 42 -4.05 34.72 -8.75
N SER A 43 -3.08 35.30 -8.03
CA SER A 43 -1.67 35.22 -8.37
C SER A 43 -0.90 34.30 -7.45
N LYS A 44 -1.47 33.90 -6.31
CA LYS A 44 -0.77 33.07 -5.32
C LYS A 44 -1.76 32.11 -4.67
N VAL A 45 -1.41 30.83 -4.67
CA VAL A 45 -2.05 29.80 -3.86
C VAL A 45 -0.95 29.20 -2.99
N TYR A 46 -1.18 29.22 -1.68
CA TYR A 46 -0.23 28.76 -0.67
C TYR A 46 -0.91 27.70 0.17
N SER A 47 -0.26 26.52 0.27
CA SER A 47 -0.85 25.37 0.93
C SER A 47 0.15 24.71 1.88
N TYR A 48 -0.36 23.84 2.77
CA TYR A 48 0.48 23.27 3.80
C TYR A 48 -0.01 21.85 4.11
N PHE A 49 0.91 21.04 4.64
CA PHE A 49 0.67 19.66 5.05
C PHE A 49 0.85 19.54 6.56
N GLU A 50 -0.08 18.82 7.19
CA GLU A 50 0.04 18.49 8.61
C GLU A 50 -0.52 17.10 8.89
N CYS A 51 -0.19 16.58 10.08
CA CYS A 51 -0.85 15.41 10.66
C CYS A 51 -1.85 15.94 11.67
N ARG A 52 -3.15 15.83 11.37
CA ARG A 52 -4.14 16.60 12.11
C ARG A 52 -4.20 16.13 13.55
N GLU A 53 -4.39 17.12 14.43
CA GLU A 53 -4.08 17.05 15.85
C GLU A 53 -5.00 16.12 16.62
N VAL A 54 -4.48 14.96 17.00
CA VAL A 54 -5.06 14.15 18.07
C VAL A 54 -3.94 13.46 18.83
N LYS A 55 -3.06 14.26 19.41
CA LYS A 55 -2.12 13.83 20.44
C LYS A 55 -1.89 12.32 20.62
N TYR A 56 -1.97 11.57 19.51
CA TYR A 56 -1.27 10.30 19.35
C TYR A 56 0.16 10.50 19.84
N GLU A 57 0.85 11.40 19.16
CA GLU A 57 1.71 12.41 19.78
C GLU A 57 2.73 12.79 18.73
N GLU A 58 3.86 12.07 18.64
CA GLU A 58 5.03 12.56 17.90
C GLU A 58 5.36 11.73 16.67
N THR A 59 5.34 12.40 15.53
CA THR A 59 5.58 11.83 14.23
C THR A 59 7.03 12.01 13.81
N VAL A 60 7.49 11.12 12.95
CA VAL A 60 8.80 11.24 12.32
C VAL A 60 8.58 11.76 10.91
N PHE A 61 9.11 12.94 10.60
CA PHE A 61 8.96 13.49 9.25
C PHE A 61 10.01 12.88 8.33
N TYR A 62 9.59 12.07 7.36
CA TYR A 62 10.52 11.36 6.50
C TYR A 62 9.85 11.05 5.16
N GLY A 63 10.59 11.28 4.07
CA GLY A 63 10.21 10.78 2.75
C GLY A 63 10.02 11.82 1.68
N LEU A 64 9.96 13.10 2.04
CA LEU A 64 9.74 14.14 1.03
C LEU A 64 10.89 14.19 0.03
N GLN A 65 12.12 14.04 0.51
CA GLN A 65 13.29 14.16 -0.37
C GLN A 65 13.23 13.15 -1.51
N TYR A 66 12.74 11.94 -1.24
CA TYR A 66 12.51 10.98 -2.32
C TYR A 66 11.59 11.54 -3.40
N ILE A 67 10.46 12.12 -3.01
CA ILE A 67 9.48 12.64 -3.96
C ILE A 67 10.06 13.81 -4.75
N LEU A 68 10.75 14.73 -4.06
CA LEU A 68 11.32 15.88 -4.74
C LEU A 68 12.27 15.44 -5.84
N ASN A 69 13.16 14.49 -5.54
CA ASN A 69 14.17 14.06 -6.50
C ASN A 69 13.60 13.16 -7.60
N LYS A 70 12.76 12.20 -7.24
CA LYS A 70 12.30 11.26 -8.27
C LYS A 70 11.29 11.89 -9.20
N TYR A 71 10.42 12.78 -8.71
CA TYR A 71 9.23 13.21 -9.46
C TYR A 71 9.16 14.71 -9.76
N LEU A 72 9.76 15.58 -8.94
CA LEU A 72 9.46 17.01 -9.11
C LEU A 72 10.61 17.84 -9.68
N LYS A 73 11.87 17.43 -9.53
CA LYS A 73 13.00 18.27 -9.90
C LYS A 73 13.34 18.14 -11.39
N GLY A 74 13.96 19.19 -11.90
CA GLY A 74 14.46 19.18 -13.26
C GLY A 74 13.39 19.49 -14.31
N LYS A 75 13.68 19.09 -15.54
CA LYS A 75 12.75 19.34 -16.64
C LYS A 75 11.71 18.23 -16.63
N VAL A 76 10.55 18.53 -16.07
CA VAL A 76 9.47 17.57 -15.91
C VAL A 76 8.33 17.82 -16.89
N VAL A 77 8.44 18.86 -17.72
CA VAL A 77 7.47 19.14 -18.78
C VAL A 77 8.22 19.08 -20.10
N THR A 78 7.67 18.37 -21.08
CA THR A 78 8.12 18.39 -22.45
C THR A 78 6.93 18.57 -23.38
N LYS A 79 7.21 18.90 -24.65
CA LYS A 79 6.11 19.00 -25.61
C LYS A 79 5.39 17.67 -25.77
N GLU A 80 6.13 16.55 -25.72
CA GLU A 80 5.49 15.24 -25.85
C GLU A 80 4.58 14.94 -24.66
N LYS A 81 5.02 15.29 -23.45
CA LYS A 81 4.18 15.04 -22.27
C LYS A 81 2.92 15.88 -22.29
N ILE A 82 3.00 17.11 -22.79
CA ILE A 82 1.81 17.95 -22.90
C ILE A 82 0.81 17.31 -23.86
N GLN A 83 1.29 16.88 -25.03
CA GLN A 83 0.40 16.27 -26.03
C GLN A 83 -0.21 14.96 -25.51
N GLU A 84 0.59 14.13 -24.85
CA GLU A 84 0.06 12.89 -24.26
C GLU A 84 -1.08 13.19 -23.30
N ALA A 85 -0.88 14.16 -22.40
CA ALA A 85 -1.91 14.49 -21.41
C ALA A 85 -3.15 15.05 -22.08
N LYS A 86 -2.95 15.97 -23.02
CA LYS A 86 -4.07 16.52 -23.79
C LYS A 86 -4.92 15.41 -24.39
N ASP A 87 -4.27 14.41 -25.00
CA ASP A 87 -5.00 13.34 -25.68
C ASP A 87 -5.73 12.44 -24.68
N VAL A 88 -5.10 12.14 -23.54
CA VAL A 88 -5.76 11.31 -22.54
C VAL A 88 -6.97 12.03 -21.95
N TYR A 89 -6.78 13.28 -21.53
CA TYR A 89 -7.87 13.99 -20.85
C TYR A 89 -9.03 14.28 -21.79
N LYS A 90 -8.78 14.48 -23.08
CA LYS A 90 -9.88 14.68 -24.03
C LYS A 90 -10.85 13.50 -23.97
N GLU A 91 -10.33 12.28 -23.88
CA GLU A 91 -11.18 11.09 -23.80
C GLU A 91 -11.71 10.86 -22.39
N HIS A 92 -10.89 11.16 -21.38
CA HIS A 92 -11.24 10.86 -20.00
C HIS A 92 -12.37 11.72 -19.50
N PHE A 93 -12.41 13.00 -19.93
CA PHE A 93 -13.48 13.92 -19.61
C PHE A 93 -14.52 14.07 -20.72
N GLN A 94 -14.25 13.51 -21.90
CA GLN A 94 -15.11 13.72 -23.08
C GLN A 94 -15.34 15.21 -23.29
N ASP A 95 -14.25 15.96 -23.22
CA ASP A 95 -14.26 17.42 -23.21
C ASP A 95 -12.82 17.90 -23.19
N ASP A 96 -12.63 19.11 -23.69
N ASP A 96 -12.61 19.20 -23.45
CA ASP A 96 -11.37 19.82 -23.64
CA ASP A 96 -11.28 19.75 -23.69
C ASP A 96 -11.47 20.75 -22.43
C ASP A 96 -10.72 20.59 -22.55
N VAL A 97 -11.03 20.23 -21.29
CA VAL A 97 -10.73 21.07 -20.14
C VAL A 97 -9.24 21.23 -19.85
N PHE A 98 -8.40 20.37 -20.37
CA PHE A 98 -6.99 20.39 -19.96
C PHE A 98 -6.33 21.74 -20.26
N ASN A 99 -5.55 22.24 -19.29
CA ASN A 99 -4.88 23.55 -19.39
C ASN A 99 -3.58 23.45 -20.20
N GLU A 100 -3.73 23.22 -21.52
CA GLU A 100 -2.56 23.14 -22.39
C GLU A 100 -1.73 24.43 -22.34
N LYS A 101 -2.39 25.59 -22.37
CA LYS A 101 -1.66 26.85 -22.39
C LYS A 101 -0.83 27.02 -21.12
N GLY A 102 -1.40 26.66 -19.96
CA GLY A 102 -0.69 26.87 -18.71
C GLY A 102 0.54 25.99 -18.61
N TRP A 103 0.44 24.75 -19.08
CA TRP A 103 1.60 23.87 -19.09
C TRP A 103 2.64 24.32 -20.12
N ASN A 104 2.19 24.77 -21.30
N ASN A 104 2.20 24.79 -21.30
CA ASN A 104 3.11 25.30 -22.30
CA ASN A 104 3.16 25.27 -22.28
C ASN A 104 3.89 26.50 -21.77
C ASN A 104 3.90 26.52 -21.79
N TYR A 105 3.25 27.33 -20.95
CA TYR A 105 3.93 28.48 -20.36
C TYR A 105 5.13 28.03 -19.52
N ILE A 106 4.94 27.00 -18.69
CA ILE A 106 6.06 26.48 -17.89
C ILE A 106 7.15 25.94 -18.79
N LEU A 107 6.78 25.20 -19.83
CA LEU A 107 7.78 24.67 -20.76
C LEU A 107 8.58 25.80 -21.39
N GLU A 108 7.89 26.86 -21.86
CA GLU A 108 8.57 27.91 -22.62
C GLU A 108 9.34 28.87 -21.73
N LYS A 109 8.78 29.22 -20.56
CA LYS A 109 9.38 30.23 -19.69
C LYS A 109 10.50 29.65 -18.84
N TYR A 110 10.35 28.42 -18.36
CA TYR A 110 11.25 27.84 -17.36
C TYR A 110 11.89 26.53 -17.81
N ASP A 111 11.91 26.26 -19.10
CA ASP A 111 12.43 25.01 -19.65
C ASP A 111 11.86 23.80 -18.90
N GLY A 112 10.56 23.86 -18.62
CA GLY A 112 9.84 22.76 -18.01
C GLY A 112 10.14 22.50 -16.56
N HIS A 113 10.79 23.44 -15.88
CA HIS A 113 11.06 23.37 -14.43
C HIS A 113 9.91 24.02 -13.68
N LEU A 114 9.48 23.38 -12.58
CA LEU A 114 8.29 23.86 -11.89
C LEU A 114 8.53 25.14 -11.09
N PRO A 115 7.76 26.20 -11.32
CA PRO A 115 7.91 27.44 -10.51
C PRO A 115 7.16 27.34 -9.20
N ILE A 116 7.75 26.56 -8.29
CA ILE A 116 7.20 26.20 -7.00
C ILE A 116 8.29 26.36 -5.96
N GLU A 117 7.92 26.80 -4.76
CA GLU A 117 8.81 26.78 -3.59
C GLU A 117 8.17 25.91 -2.50
N ILE A 118 8.94 24.93 -2.01
CA ILE A 118 8.52 24.10 -0.88
C ILE A 118 9.47 24.34 0.28
N LYS A 119 8.91 24.60 1.46
CA LYS A 119 9.65 24.69 2.72
C LYS A 119 9.22 23.55 3.62
N ALA A 120 10.19 22.96 4.34
CA ALA A 120 9.92 21.76 5.11
C ALA A 120 10.76 21.68 6.38
N VAL A 121 10.23 20.94 7.35
CA VAL A 121 10.98 20.63 8.57
C VAL A 121 12.06 19.62 8.18
N PRO A 122 13.20 19.58 8.86
CA PRO A 122 14.26 18.63 8.46
C PRO A 122 13.80 17.19 8.57
N GLU A 123 14.25 16.37 7.63
CA GLU A 123 13.90 14.95 7.66
C GLU A 123 14.49 14.26 8.89
N GLY A 124 13.69 13.35 9.44
CA GLY A 124 14.01 12.70 10.69
C GLY A 124 13.50 13.43 11.92
N PHE A 125 13.10 14.70 11.78
CA PHE A 125 12.60 15.45 12.92
C PHE A 125 11.40 14.75 13.53
N VAL A 126 11.39 14.73 14.86
CA VAL A 126 10.33 14.13 15.67
C VAL A 126 9.51 15.29 16.19
N ILE A 127 8.26 15.38 15.76
CA ILE A 127 7.44 16.57 15.98
C ILE A 127 6.01 16.17 16.28
N PRO A 128 5.33 16.81 17.24
CA PRO A 128 3.94 16.44 17.55
C PRO A 128 2.98 16.74 16.40
N ARG A 129 1.86 16.03 16.42
CA ARG A 129 0.79 16.28 15.49
C ARG A 129 0.26 17.70 15.66
N GLY A 130 -0.36 18.19 14.59
CA GLY A 130 -0.96 19.52 14.58
C GLY A 130 -0.02 20.63 14.16
N ASN A 131 1.18 20.30 13.68
CA ASN A 131 2.15 21.29 13.24
C ASN A 131 2.34 21.27 11.73
N VAL A 132 2.66 22.44 11.18
CA VAL A 132 3.05 22.52 9.78
C VAL A 132 4.33 21.73 9.58
N LEU A 133 4.31 20.80 8.62
CA LEU A 133 5.48 20.00 8.25
C LEU A 133 6.11 20.45 6.94
N PHE A 134 5.29 20.88 5.97
CA PHE A 134 5.83 21.57 4.80
C PHE A 134 4.75 22.47 4.21
N THR A 135 5.21 23.47 3.44
CA THR A 135 4.35 24.42 2.74
C THR A 135 4.75 24.43 1.27
N VAL A 136 3.80 24.81 0.43
CA VAL A 136 3.95 24.83 -1.02
C VAL A 136 3.33 26.11 -1.55
N GLU A 137 4.01 26.78 -2.48
CA GLU A 137 3.42 27.97 -3.10
C GLU A 137 4.06 28.17 -4.47
N ASN A 138 3.31 28.82 -5.38
CA ASN A 138 3.82 29.11 -6.71
C ASN A 138 4.71 30.36 -6.67
N THR A 139 5.75 30.38 -7.51
CA THR A 139 6.66 31.54 -7.57
C THR A 139 6.39 32.44 -8.77
N ASP A 140 5.47 32.05 -9.65
CA ASP A 140 5.05 32.85 -10.80
C ASP A 140 3.55 33.04 -10.72
N PRO A 141 3.02 34.27 -10.86
CA PRO A 141 1.56 34.47 -10.77
C PRO A 141 0.77 33.68 -11.78
N GLU A 142 1.31 33.46 -12.97
CA GLU A 142 0.62 32.67 -13.98
C GLU A 142 0.37 31.25 -13.51
N CYS A 143 1.12 30.77 -12.54
CA CYS A 143 1.07 29.37 -12.13
C CYS A 143 0.39 29.17 -10.78
N TYR A 144 -0.58 30.04 -10.45
CA TYR A 144 -1.36 29.91 -9.23
C TYR A 144 -2.01 28.53 -9.09
N TRP A 145 -2.30 27.89 -10.21
CA TRP A 145 -2.98 26.60 -10.26
C TRP A 145 -2.06 25.42 -9.99
N LEU A 146 -0.74 25.63 -10.02
CA LEU A 146 0.21 24.53 -9.93
C LEU A 146 0.38 24.05 -8.50
N THR A 147 0.18 24.93 -7.52
CA THR A 147 0.36 24.56 -6.11
C THR A 147 -0.44 23.32 -5.75
N ASN A 148 -1.73 23.32 -6.05
CA ASN A 148 -2.53 22.19 -5.65
C ASN A 148 -2.63 21.12 -6.71
N TRP A 149 -2.13 21.35 -7.94
CA TRP A 149 -1.90 20.24 -8.88
C TRP A 149 -1.07 19.15 -8.25
N ILE A 150 -0.01 19.54 -7.55
CA ILE A 150 0.94 18.58 -7.01
C ILE A 150 0.58 18.13 -5.59
N GLU A 151 -0.61 18.49 -5.10
CA GLU A 151 -1.08 17.94 -3.83
C GLU A 151 -1.01 16.41 -3.82
N THR A 152 -1.53 15.78 -4.85
CA THR A 152 -1.73 14.33 -4.83
C THR A 152 -0.40 13.61 -4.62
N ILE A 153 0.63 14.03 -5.36
CA ILE A 153 1.92 13.38 -5.25
C ILE A 153 2.58 13.69 -3.92
N LEU A 154 2.42 14.92 -3.39
CA LEU A 154 3.08 15.25 -2.13
C LEU A 154 2.38 14.59 -0.94
N VAL A 155 1.06 14.39 -1.02
CA VAL A 155 0.34 13.83 0.11
C VAL A 155 0.73 12.39 0.33
N GLN A 156 1.24 11.72 -0.71
CA GLN A 156 1.71 10.34 -0.56
C GLN A 156 2.88 10.26 0.41
N SER A 157 3.45 11.40 0.83
CA SER A 157 4.43 11.39 1.91
C SER A 157 3.83 10.86 3.21
N TRP A 158 2.50 10.80 3.31
CA TRP A 158 1.89 10.20 4.50
C TRP A 158 2.46 8.82 4.74
N TYR A 159 2.79 8.09 3.67
CA TYR A 159 3.17 6.68 3.83
C TYR A 159 4.54 6.54 4.50
N PRO A 160 5.62 7.12 4.00
CA PRO A 160 6.90 7.01 4.74
C PRO A 160 6.86 7.65 6.12
N ILE A 161 6.11 8.75 6.29
CA ILE A 161 5.93 9.33 7.62
C ILE A 161 5.31 8.30 8.56
N THR A 162 4.25 7.64 8.10
CA THR A 162 3.48 6.77 8.98
C THR A 162 4.27 5.48 9.28
N VAL A 163 4.94 4.91 8.27
CA VAL A 163 5.78 3.73 8.54
C VAL A 163 6.89 4.07 9.55
N ALA A 164 7.58 5.19 9.32
CA ALA A 164 8.68 5.56 10.21
C ALA A 164 8.18 5.81 11.63
N THR A 165 7.02 6.48 11.74
CA THR A 165 6.47 6.78 13.06
C THR A 165 6.04 5.51 13.78
N ASN A 166 5.26 4.65 13.12
CA ASN A 166 4.79 3.42 13.74
C ASN A 166 5.96 2.47 14.09
N SER A 167 6.98 2.44 13.24
CA SER A 167 8.18 1.66 13.56
C SER A 167 8.90 2.23 14.78
N ARG A 168 9.02 3.56 14.88
CA ARG A 168 9.66 4.17 16.05
C ARG A 168 8.83 3.94 17.32
N GLU A 169 7.50 3.93 17.21
CA GLU A 169 6.67 3.63 18.39
C GLU A 169 6.90 2.20 18.85
N GLN A 170 7.14 1.27 17.93
CA GLN A 170 7.47 -0.09 18.36
C GLN A 170 8.85 -0.14 19.00
N LYS A 171 9.81 0.61 18.47
CA LYS A 171 11.13 0.70 19.11
C LYS A 171 11.03 1.21 20.54
N LYS A 172 10.12 2.16 20.82
CA LYS A 172 9.96 2.64 22.19
C LYS A 172 9.51 1.54 23.13
N ILE A 173 8.55 0.72 22.68
CA ILE A 173 8.08 -0.41 23.47
C ILE A 173 9.23 -1.38 23.72
N LEU A 174 9.94 -1.74 22.66
CA LEU A 174 11.03 -2.70 22.81
C LEU A 174 12.11 -2.15 23.75
N ALA A 175 12.44 -0.87 23.62
CA ALA A 175 13.46 -0.29 24.48
C ALA A 175 13.05 -0.32 25.94
N LYS A 176 11.80 0.05 26.23
CA LYS A 176 11.31 0.02 27.61
C LYS A 176 11.49 -1.37 28.24
N TYR A 177 11.07 -2.41 27.54
CA TYR A 177 11.07 -3.75 28.12
C TYR A 177 12.46 -4.38 28.10
N LEU A 178 13.28 -4.06 27.10
CA LEU A 178 14.66 -4.52 27.11
C LEU A 178 15.43 -3.88 28.25
N LEU A 179 15.22 -2.58 28.48
CA LEU A 179 15.91 -1.92 29.59
C LEU A 179 15.46 -2.51 30.92
N GLU A 180 14.16 -2.68 31.12
N GLU A 180 14.16 -2.74 31.08
CA GLU A 180 13.70 -3.22 32.40
CA GLU A 180 13.62 -3.22 32.36
C GLU A 180 14.27 -4.62 32.63
C GLU A 180 13.99 -4.66 32.66
N THR A 181 14.16 -5.50 31.63
CA THR A 181 14.51 -6.90 31.87
C THR A 181 16.00 -7.22 31.74
N SER A 182 16.82 -6.30 31.19
CA SER A 182 18.24 -6.60 30.99
C SER A 182 19.18 -5.51 31.48
N GLY A 183 18.70 -4.28 31.69
CA GLY A 183 19.55 -3.20 32.13
C GLY A 183 20.24 -2.42 31.04
N ASN A 184 20.06 -2.78 29.78
CA ASN A 184 20.69 -2.05 28.70
C ASN A 184 19.87 -2.20 27.42
N LEU A 185 20.32 -1.52 26.36
CA LEU A 185 19.64 -1.57 25.07
C LEU A 185 20.41 -2.33 24.01
N ASP A 186 21.36 -3.18 24.41
CA ASP A 186 22.16 -3.88 23.43
C ASP A 186 21.27 -4.70 22.50
N GLY A 187 21.51 -4.56 21.20
CA GLY A 187 20.80 -5.34 20.22
C GLY A 187 19.47 -4.76 19.80
N LEU A 188 19.06 -3.64 20.39
CA LEU A 188 17.74 -3.07 20.10
C LEU A 188 17.50 -2.88 18.61
N GLU A 189 18.49 -2.38 17.87
CA GLU A 189 18.27 -2.06 16.46
C GLU A 189 18.07 -3.30 15.59
N TYR A 190 18.20 -4.51 16.14
CA TYR A 190 17.97 -5.75 15.40
C TYR A 190 16.74 -6.49 15.92
N LYS A 191 15.93 -5.88 16.78
CA LYS A 191 14.84 -6.61 17.43
C LYS A 191 13.53 -6.57 16.65
N LEU A 192 13.41 -5.74 15.62
CA LEU A 192 12.20 -5.71 14.77
C LEU A 192 12.65 -5.75 13.31
N HIS A 193 12.47 -6.91 12.67
CA HIS A 193 13.00 -7.19 11.36
C HIS A 193 11.87 -7.08 10.33
N ASP A 194 12.11 -6.38 9.22
CA ASP A 194 11.12 -6.16 8.16
C ASP A 194 10.96 -7.43 7.33
N PHE A 195 9.76 -8.04 7.40
CA PHE A 195 9.35 -9.21 6.62
C PHE A 195 8.32 -8.85 5.54
N GLY A 196 8.15 -7.57 5.22
CA GLY A 196 6.98 -7.10 4.51
C GLY A 196 7.05 -7.02 3.00
N TYR A 197 8.09 -7.55 2.35
CA TYR A 197 8.22 -7.37 0.91
C TYR A 197 7.03 -7.99 0.14
N ARG A 198 6.62 -9.22 0.48
CA ARG A 198 5.51 -9.86 -0.22
C ARG A 198 4.16 -9.26 0.12
N GLY A 199 4.04 -8.64 1.29
CA GLY A 199 2.76 -8.21 1.81
C GLY A 199 2.40 -6.77 1.55
N VAL A 200 3.24 -6.01 0.82
CA VAL A 200 2.89 -4.66 0.39
C VAL A 200 2.30 -4.70 -1.02
N SER A 201 1.81 -3.56 -1.50
CA SER A 201 1.00 -3.51 -2.69
C SER A 201 1.81 -3.33 -3.98
N SER A 202 3.10 -3.00 -3.90
CA SER A 202 3.91 -2.85 -5.11
C SER A 202 5.41 -2.85 -4.77
N GLN A 203 6.22 -2.98 -5.83
CA GLN A 203 7.67 -2.86 -5.66
C GLN A 203 8.06 -1.48 -5.15
N GLU A 204 7.43 -0.42 -5.68
CA GLU A 204 7.82 0.92 -5.24
C GLU A 204 7.49 1.11 -3.77
N THR A 205 6.31 0.64 -3.34
CA THR A 205 5.93 0.75 -1.94
C THR A 205 6.90 -0.02 -1.06
N ALA A 206 7.34 -1.21 -1.50
CA ALA A 206 8.31 -1.98 -0.73
C ALA A 206 9.56 -1.17 -0.44
N GLY A 207 10.12 -0.50 -1.45
CA GLY A 207 11.34 0.27 -1.22
C GLY A 207 11.12 1.44 -0.28
N ILE A 208 10.04 2.19 -0.50
CA ILE A 208 9.75 3.35 0.35
C ILE A 208 9.53 2.92 1.79
N GLY A 209 8.66 1.93 1.99
CA GLY A 209 8.33 1.52 3.35
C GLY A 209 9.52 0.88 4.05
N ALA A 210 10.28 0.06 3.35
CA ALA A 210 11.44 -0.54 4.00
C ALA A 210 12.44 0.53 4.41
N SER A 211 12.60 1.56 3.57
CA SER A 211 13.54 2.63 3.93
C SER A 211 13.09 3.37 5.19
N ALA A 212 11.78 3.57 5.34
CA ALA A 212 11.23 4.24 6.51
C ALA A 212 11.48 3.44 7.78
N HIS A 213 11.36 2.11 7.69
CA HIS A 213 11.66 1.28 8.84
C HIS A 213 13.13 1.39 9.23
N LEU A 214 14.01 1.46 8.24
CA LEU A 214 15.45 1.52 8.49
C LEU A 214 15.87 2.86 9.12
N VAL A 215 14.97 3.84 9.18
CA VAL A 215 15.24 5.02 10.02
C VAL A 215 15.48 4.61 11.48
N ASN A 216 14.83 3.55 11.93
CA ASN A 216 14.81 3.17 13.34
C ASN A 216 15.55 1.88 13.65
N PHE A 217 15.65 0.98 12.68
CA PHE A 217 16.19 -0.37 12.87
C PHE A 217 17.17 -0.67 11.74
N LYS A 218 17.89 -1.79 11.90
CA LYS A 218 18.90 -2.20 10.94
C LYS A 218 18.64 -3.57 10.31
N GLY A 219 17.62 -4.31 10.75
CA GLY A 219 17.34 -5.63 10.23
C GLY A 219 16.21 -5.62 9.21
N THR A 220 16.50 -6.12 8.02
CA THR A 220 15.47 -6.14 6.98
C THR A 220 15.71 -7.28 5.99
N ASP A 221 14.60 -7.86 5.52
CA ASP A 221 14.60 -8.73 4.37
C ASP A 221 14.01 -8.05 3.14
N THR A 222 13.58 -6.79 3.24
CA THR A 222 12.99 -6.11 2.10
C THR A 222 14.12 -5.36 1.38
N VAL A 223 14.77 -6.09 0.48
CA VAL A 223 16.02 -5.66 -0.16
C VAL A 223 15.84 -4.34 -0.92
N ALA A 224 14.63 -4.10 -1.42
CA ALA A 224 14.35 -2.89 -2.20
C ALA A 224 14.67 -1.60 -1.43
N GLY A 225 14.61 -1.64 -0.09
CA GLY A 225 14.91 -0.45 0.69
C GLY A 225 16.36 0.00 0.58
N LEU A 226 17.26 -0.91 0.27
CA LEU A 226 18.67 -0.56 0.28
C LEU A 226 19.01 0.40 -0.87
N ALA A 227 18.57 0.07 -2.09
CA ALA A 227 18.91 0.89 -3.25
C ALA A 227 18.24 2.26 -3.17
N LEU A 228 17.04 2.33 -2.62
CA LEU A 228 16.38 3.62 -2.46
C LEU A 228 17.19 4.54 -1.57
N ILE A 229 17.63 4.04 -0.42
CA ILE A 229 18.43 4.86 0.49
C ILE A 229 19.72 5.31 -0.17
N LYS A 230 20.40 4.38 -0.86
CA LYS A 230 21.68 4.70 -1.51
C LYS A 230 21.51 5.81 -2.53
N LYS A 231 20.41 5.77 -3.30
CA LYS A 231 20.22 6.68 -4.41
C LYS A 231 19.72 8.06 -3.97
N TYR A 232 18.85 8.12 -2.96
CA TYR A 232 18.16 9.36 -2.62
C TYR A 232 18.62 10.01 -1.32
N TYR A 233 19.33 9.28 -0.45
CA TYR A 233 19.70 9.82 0.85
C TYR A 233 21.19 9.64 1.16
N GLY A 234 21.68 8.41 1.10
CA GLY A 234 23.09 8.11 1.33
C GLY A 234 23.47 7.77 2.76
N THR A 235 24.40 6.81 2.93
CA THR A 235 24.96 6.46 4.23
C THR A 235 26.47 6.30 4.12
N LYS A 236 27.15 6.57 5.23
CA LYS A 236 28.59 6.31 5.30
C LYS A 236 28.89 4.83 5.17
N ASP A 237 28.04 3.99 5.77
CA ASP A 237 28.21 2.54 5.66
C ASP A 237 27.87 2.05 4.26
N PRO A 238 28.48 0.95 3.80
CA PRO A 238 28.10 0.43 2.47
C PRO A 238 26.62 0.15 2.32
N VAL A 239 25.97 -0.42 3.33
CA VAL A 239 24.51 -0.62 3.29
C VAL A 239 23.83 -0.19 4.57
N PRO A 240 22.55 0.19 4.51
CA PRO A 240 21.84 0.65 5.70
C PRO A 240 21.16 -0.46 6.50
N GLY A 241 21.09 -1.68 5.96
CA GLY A 241 20.45 -2.76 6.69
C GLY A 241 21.03 -4.10 6.32
N TYR A 242 20.74 -5.09 7.19
CA TYR A 242 21.43 -6.36 7.21
C TYR A 242 20.44 -7.50 7.41
N SER A 243 20.85 -8.71 7.00
CA SER A 243 20.03 -9.89 7.23
C SER A 243 20.93 -11.08 7.57
N VAL A 244 20.29 -12.21 7.83
CA VAL A 244 20.96 -13.47 8.15
C VAL A 244 20.30 -14.60 7.36
N PRO A 245 21.03 -15.68 7.12
CA PRO A 245 20.40 -16.86 6.52
C PRO A 245 19.22 -17.33 7.35
N ALA A 246 18.20 -17.79 6.66
CA ALA A 246 16.99 -18.26 7.32
C ALA A 246 16.24 -19.22 6.41
N ALA A 247 15.59 -20.22 7.01
CA ALA A 247 14.75 -21.17 6.29
C ALA A 247 13.35 -20.62 6.06
N GLU A 248 12.66 -21.22 5.09
CA GLU A 248 11.23 -21.02 4.88
C GLU A 248 10.57 -22.39 4.83
N HIS A 249 9.23 -22.44 4.77
CA HIS A 249 8.61 -23.76 4.79
C HIS A 249 9.01 -24.61 3.59
N SER A 250 9.24 -24.02 2.41
CA SER A 250 9.61 -24.86 1.27
C SER A 250 10.93 -25.59 1.52
N THR A 251 11.88 -24.95 2.20
CA THR A 251 13.18 -25.62 2.40
C THR A 251 13.18 -26.65 3.52
N ILE A 252 12.16 -26.65 4.39
CA ILE A 252 11.97 -27.74 5.34
C ILE A 252 11.09 -28.82 4.74
N THR A 253 9.91 -28.46 4.24
CA THR A 253 8.94 -29.46 3.82
C THR A 253 9.39 -30.23 2.58
N ALA A 254 10.29 -29.66 1.77
CA ALA A 254 10.77 -30.34 0.56
C ALA A 254 11.46 -31.67 0.88
N TRP A 255 11.96 -31.83 2.11
CA TRP A 255 12.65 -33.04 2.54
C TRP A 255 11.68 -34.19 2.80
N GLY A 256 10.39 -33.90 2.89
CA GLY A 256 9.38 -34.88 3.21
C GLY A 256 9.06 -34.85 4.70
N LYS A 257 7.79 -35.13 5.02
CA LYS A 257 7.36 -34.94 6.41
C LYS A 257 8.14 -35.81 7.39
N ASP A 258 8.64 -36.98 6.97
CA ASP A 258 9.39 -37.83 7.89
C ASP A 258 10.83 -37.41 8.06
N HIS A 259 11.29 -36.37 7.36
CA HIS A 259 12.68 -35.98 7.34
C HIS A 259 12.91 -34.54 7.81
N GLU A 260 12.03 -34.05 8.69
CA GLU A 260 12.22 -32.71 9.23
C GLU A 260 13.56 -32.58 9.97
N LYS A 261 13.95 -33.61 10.73
CA LYS A 261 15.25 -33.59 11.42
C LYS A 261 16.39 -33.49 10.42
N ASP A 262 16.32 -34.22 9.31
CA ASP A 262 17.39 -34.14 8.31
C ASP A 262 17.49 -32.73 7.72
N ALA A 263 16.36 -32.06 7.52
CA ALA A 263 16.39 -30.71 7.00
C ALA A 263 17.08 -29.78 7.97
N PHE A 264 16.69 -29.84 9.24
CA PHE A 264 17.30 -29.01 10.27
C PHE A 264 18.82 -29.25 10.33
N GLU A 265 19.23 -30.53 10.35
CA GLU A 265 20.65 -30.85 10.48
C GLU A 265 21.44 -30.29 9.30
N HIS A 266 20.90 -30.43 8.09
CA HIS A 266 21.58 -29.93 6.90
C HIS A 266 21.71 -28.42 6.95
N ILE A 267 20.63 -27.72 7.34
CA ILE A 267 20.65 -26.28 7.29
C ILE A 267 21.61 -25.70 8.33
N VAL A 268 21.59 -26.21 9.57
CA VAL A 268 22.46 -25.61 10.58
C VAL A 268 23.92 -25.95 10.29
N THR A 269 24.17 -27.06 9.62
CA THR A 269 25.54 -27.42 9.26
C THR A 269 26.03 -26.59 8.07
N GLN A 270 25.14 -26.26 7.14
CA GLN A 270 25.50 -25.38 6.03
C GLN A 270 25.84 -23.98 6.52
N PHE A 271 25.17 -23.51 7.57
CA PHE A 271 25.39 -22.19 8.14
C PHE A 271 25.90 -22.33 9.57
N SER A 272 27.08 -22.95 9.71
CA SER A 272 27.57 -23.33 11.03
C SER A 272 28.27 -22.20 11.76
N SER A 273 28.71 -21.15 11.06
CA SER A 273 29.49 -20.08 11.68
C SER A 273 28.87 -18.71 11.50
N VAL A 274 27.60 -18.62 11.11
CA VAL A 274 26.84 -17.36 11.11
C VAL A 274 25.51 -17.64 11.79
N PRO A 275 24.80 -16.60 12.25
CA PRO A 275 23.45 -16.83 12.79
C PRO A 275 22.59 -17.47 11.72
N VAL A 276 21.72 -18.40 12.13
CA VAL A 276 20.79 -19.02 11.20
C VAL A 276 19.42 -19.14 11.88
N SER A 277 18.39 -18.65 11.19
CA SER A 277 17.00 -18.77 11.62
C SER A 277 16.37 -19.97 10.94
N VAL A 278 15.67 -20.81 11.70
CA VAL A 278 15.10 -22.05 11.17
C VAL A 278 13.65 -22.17 11.61
N VAL A 279 12.75 -22.01 10.66
CA VAL A 279 11.32 -22.12 10.93
C VAL A 279 11.02 -23.55 11.39
N SER A 280 10.28 -23.67 12.49
CA SER A 280 10.23 -24.93 13.23
C SER A 280 8.80 -25.47 13.40
N ASP A 281 7.81 -24.87 12.74
CA ASP A 281 6.40 -25.19 12.98
C ASP A 281 5.74 -25.91 11.80
N SER A 282 6.51 -26.42 10.83
CA SER A 282 5.90 -27.05 9.65
C SER A 282 4.85 -28.09 10.03
N TYR A 283 5.12 -28.88 11.08
CA TYR A 283 4.20 -29.94 11.51
C TYR A 283 3.83 -29.87 12.99
N ASP A 284 4.80 -29.62 13.88
CA ASP A 284 4.51 -29.52 15.30
C ASP A 284 5.67 -28.77 15.95
N ILE A 285 5.47 -27.46 16.16
CA ILE A 285 6.50 -26.59 16.72
C ILE A 285 6.99 -27.10 18.06
N TYR A 286 6.08 -27.65 18.87
CA TYR A 286 6.46 -28.01 20.23
C TYR A 286 7.31 -29.27 20.24
N ASN A 287 6.97 -30.25 19.39
CA ASN A 287 7.83 -31.42 19.19
C ASN A 287 9.17 -31.02 18.60
N ALA A 288 9.16 -30.13 17.61
CA ALA A 288 10.44 -29.70 17.04
C ALA A 288 11.35 -29.11 18.12
N CYS A 289 10.82 -28.26 18.98
CA CYS A 289 11.66 -27.65 20.01
C CYS A 289 12.11 -28.68 21.05
N GLU A 290 11.20 -29.52 21.53
CA GLU A 290 11.53 -30.36 22.67
C GLU A 290 12.32 -31.60 22.27
N LYS A 291 11.94 -32.23 21.16
CA LYS A 291 12.54 -33.48 20.74
C LYS A 291 13.61 -33.33 19.65
N ILE A 292 13.37 -32.54 18.61
CA ILE A 292 14.35 -32.48 17.54
C ILE A 292 15.53 -31.57 17.93
N TRP A 293 15.25 -30.29 18.19
CA TRP A 293 16.30 -29.41 18.70
C TRP A 293 16.76 -29.81 20.08
N GLY A 294 15.82 -30.12 20.97
CA GLY A 294 16.15 -30.31 22.37
C GLY A 294 16.81 -31.63 22.73
N GLU A 295 16.71 -32.63 21.84
CA GLU A 295 17.33 -33.95 22.06
C GLU A 295 18.16 -34.40 20.86
N ASP A 296 17.50 -34.65 19.73
CA ASP A 296 18.16 -35.31 18.61
C ASP A 296 19.34 -34.51 18.07
N LEU A 297 19.18 -33.18 17.96
CA LEU A 297 20.18 -32.31 17.37
C LEU A 297 20.84 -31.38 18.39
N ARG A 298 20.58 -31.60 19.68
CA ARG A 298 21.11 -30.69 20.70
C ARG A 298 22.62 -30.52 20.59
N HIS A 299 23.33 -31.58 20.18
CA HIS A 299 24.80 -31.52 20.14
C HIS A 299 25.31 -30.57 19.06
N LEU A 300 24.48 -30.25 18.06
CA LEU A 300 24.80 -29.31 17.01
C LEU A 300 24.47 -27.87 17.41
N ILE A 301 23.70 -27.69 18.48
N ILE A 301 23.75 -27.67 18.50
CA ILE A 301 23.34 -26.35 18.97
CA ILE A 301 23.35 -26.35 18.95
C ILE A 301 24.33 -25.87 20.02
C ILE A 301 24.27 -25.85 20.07
N VAL A 302 24.58 -26.69 21.04
CA VAL A 302 25.41 -26.25 22.17
C VAL A 302 26.85 -26.01 21.77
N SER A 303 27.24 -26.46 20.58
CA SER A 303 28.56 -26.21 20.01
C SER A 303 28.70 -24.85 19.32
N ARG A 304 27.61 -24.12 19.08
CA ARG A 304 27.70 -22.93 18.24
C ARG A 304 28.23 -21.72 19.01
N SER A 305 28.74 -20.75 18.24
CA SER A 305 29.32 -19.50 18.74
C SER A 305 28.25 -18.49 19.15
N THR A 306 28.64 -17.58 20.06
CA THR A 306 27.77 -16.49 20.46
C THR A 306 27.46 -15.55 19.29
N GLN A 307 28.36 -15.48 18.31
CA GLN A 307 28.14 -14.69 17.11
C GLN A 307 27.36 -15.45 16.04
N ALA A 308 26.98 -16.70 16.31
CA ALA A 308 26.35 -17.56 15.31
C ALA A 308 25.29 -18.44 15.97
N PRO A 309 24.30 -17.84 16.64
CA PRO A 309 23.30 -18.66 17.31
C PRO A 309 22.38 -19.35 16.31
N LEU A 310 21.74 -20.41 16.80
CA LEU A 310 20.49 -20.87 16.19
C LEU A 310 19.36 -19.97 16.65
N ILE A 311 18.56 -19.50 15.71
CA ILE A 311 17.37 -18.72 16.02
C ILE A 311 16.18 -19.58 15.60
N ILE A 312 15.45 -20.11 16.58
CA ILE A 312 14.25 -20.92 16.32
C ILE A 312 13.08 -19.98 16.00
N ARG A 313 12.36 -20.28 14.92
CA ARG A 313 11.26 -19.43 14.44
C ARG A 313 9.93 -20.17 14.44
N PRO A 314 9.09 -19.99 15.46
CA PRO A 314 7.67 -20.36 15.30
C PRO A 314 7.02 -19.44 14.28
N ASP A 315 5.91 -19.92 13.66
CA ASP A 315 5.24 -19.12 12.64
C ASP A 315 3.74 -19.38 12.57
N SER A 316 3.11 -19.78 13.68
CA SER A 316 1.69 -20.11 13.65
C SER A 316 1.19 -20.22 15.09
N GLY A 317 -0.13 -20.15 15.26
CA GLY A 317 -0.73 -20.22 16.57
C GLY A 317 -0.91 -18.84 17.19
N ASN A 318 -1.46 -18.81 18.41
CA ASN A 318 -1.57 -17.55 19.12
C ASN A 318 -0.16 -17.02 19.36
N PRO A 319 0.19 -15.80 18.93
CA PRO A 319 1.59 -15.34 19.08
C PRO A 319 2.10 -15.37 20.51
N LEU A 320 1.34 -14.83 21.46
CA LEU A 320 1.82 -14.82 22.84
C LEU A 320 1.91 -16.23 23.40
N ASP A 321 0.85 -17.03 23.27
CA ASP A 321 0.86 -18.36 23.86
C ASP A 321 2.00 -19.19 23.29
N THR A 322 2.23 -19.07 21.98
CA THR A 322 3.27 -19.88 21.34
C THR A 322 4.65 -19.48 21.83
N VAL A 323 4.92 -18.17 21.91
CA VAL A 323 6.25 -17.73 22.39
C VAL A 323 6.51 -18.24 23.80
N LEU A 324 5.52 -18.08 24.69
CA LEU A 324 5.71 -18.50 26.08
C LEU A 324 5.95 -20.01 26.18
N LYS A 325 5.22 -20.80 25.39
CA LYS A 325 5.40 -22.25 25.46
C LYS A 325 6.73 -22.67 24.86
N VAL A 326 7.12 -22.09 23.73
CA VAL A 326 8.45 -22.36 23.16
C VAL A 326 9.55 -22.04 24.18
N LEU A 327 9.44 -20.92 24.88
CA LEU A 327 10.46 -20.56 25.85
C LEU A 327 10.47 -21.56 27.00
N GLU A 328 9.30 -21.97 27.51
CA GLU A 328 9.28 -22.95 28.60
C GLU A 328 9.91 -24.26 28.16
N ILE A 329 9.61 -24.72 26.94
CA ILE A 329 10.24 -25.94 26.42
C ILE A 329 11.76 -25.79 26.39
N LEU A 330 12.26 -24.71 25.79
CA LEU A 330 13.70 -24.58 25.60
C LEU A 330 14.40 -24.44 26.94
N GLY A 331 13.78 -23.76 27.89
CA GLY A 331 14.34 -23.57 29.21
C GLY A 331 14.52 -24.87 29.99
N LYS A 332 13.77 -25.91 29.64
CA LYS A 332 13.96 -27.19 30.30
CA LYS A 332 13.92 -27.22 30.27
C LYS A 332 14.94 -28.10 29.55
N LYS A 333 15.30 -27.78 28.30
CA LYS A 333 16.25 -28.59 27.53
C LYS A 333 17.63 -27.99 27.43
N PHE A 334 17.78 -26.69 27.71
CA PHE A 334 19.04 -25.98 27.58
C PHE A 334 19.36 -25.25 28.87
N PRO A 335 20.64 -24.95 29.11
CA PRO A 335 20.98 -24.32 30.40
C PRO A 335 20.53 -22.86 30.40
N VAL A 336 19.70 -22.52 31.35
CA VAL A 336 19.20 -21.16 31.52
C VAL A 336 19.96 -20.50 32.65
N THR A 337 20.26 -19.21 32.48
CA THR A 337 20.86 -18.39 33.52
C THR A 337 19.85 -17.34 33.97
N GLU A 338 20.22 -16.64 35.04
CA GLU A 338 19.44 -15.53 35.54
C GLU A 338 20.32 -14.29 35.47
N ASN A 339 19.88 -13.28 34.72
CA ASN A 339 20.72 -12.11 34.54
C ASN A 339 20.63 -11.21 35.77
N SER A 340 21.32 -10.07 35.69
CA SER A 340 21.49 -9.25 36.87
C SER A 340 20.21 -8.54 37.28
N LYS A 341 19.19 -8.54 36.43
CA LYS A 341 17.89 -8.00 36.78
C LYS A 341 16.93 -9.06 37.29
N GLY A 342 17.34 -10.32 37.33
CA GLY A 342 16.47 -11.37 37.83
C GLY A 342 15.69 -12.11 36.76
N TYR A 343 15.96 -11.89 35.49
CA TYR A 343 15.19 -12.47 34.39
C TYR A 343 15.94 -13.63 33.76
N LYS A 344 15.18 -14.62 33.28
CA LYS A 344 15.76 -15.81 32.68
C LYS A 344 16.32 -15.54 31.29
N LEU A 345 17.45 -16.20 31.00
CA LEU A 345 18.21 -15.98 29.78
C LEU A 345 18.66 -17.31 29.20
N LEU A 346 18.29 -17.56 27.95
CA LEU A 346 18.78 -18.75 27.23
C LEU A 346 20.28 -18.62 27.00
N PRO A 347 20.98 -19.72 26.75
CA PRO A 347 22.41 -19.62 26.45
C PRO A 347 22.63 -18.82 25.17
N PRO A 348 23.82 -18.25 24.99
CA PRO A 348 24.01 -17.28 23.90
C PRO A 348 23.97 -17.88 22.50
N TYR A 349 24.06 -19.20 22.38
CA TYR A 349 23.96 -19.86 21.09
C TYR A 349 22.53 -20.14 20.66
N LEU A 350 21.51 -19.70 21.44
CA LEU A 350 20.12 -20.03 21.17
C LEU A 350 19.21 -18.82 21.39
N ARG A 351 18.45 -18.47 20.36
CA ARG A 351 17.49 -17.36 20.44
C ARG A 351 16.20 -17.76 19.74
N VAL A 352 15.18 -16.87 19.81
CA VAL A 352 13.85 -17.11 19.23
C VAL A 352 13.46 -15.87 18.46
N ILE A 353 12.82 -16.06 17.31
CA ILE A 353 12.21 -14.96 16.59
C ILE A 353 10.76 -15.29 16.30
N GLN A 354 9.86 -14.38 16.68
N GLN A 354 9.86 -14.38 16.67
CA GLN A 354 8.44 -14.51 16.36
CA GLN A 354 8.43 -14.49 16.36
C GLN A 354 8.14 -13.59 15.18
C GLN A 354 8.14 -13.58 15.19
N GLY A 355 7.76 -14.19 14.06
CA GLY A 355 7.49 -13.44 12.84
C GLY A 355 6.11 -13.60 12.28
N ASP A 356 5.18 -14.15 13.06
CA ASP A 356 3.78 -14.34 12.63
C ASP A 356 2.86 -13.45 13.46
N GLY A 357 1.93 -12.78 12.80
CA GLY A 357 0.93 -12.02 13.52
C GLY A 357 1.45 -10.83 14.32
N VAL A 358 2.58 -10.27 13.92
CA VAL A 358 3.21 -9.20 14.70
C VAL A 358 2.76 -7.83 14.17
N ASP A 359 2.19 -7.03 15.07
CA ASP A 359 1.95 -5.61 14.85
C ASP A 359 2.22 -4.91 16.17
N ILE A 360 2.03 -3.59 16.22
CA ILE A 360 2.39 -2.88 17.46
C ILE A 360 1.60 -3.40 18.66
N ASN A 361 0.36 -3.84 18.47
CA ASN A 361 -0.45 -4.35 19.58
C ASN A 361 0.07 -5.70 20.08
N THR A 362 0.29 -6.66 19.18
CA THR A 362 0.75 -7.97 19.65
C THR A 362 2.20 -7.93 20.12
N LEU A 363 3.02 -7.03 19.56
CA LEU A 363 4.38 -6.85 20.07
C LEU A 363 4.33 -6.48 21.55
N GLN A 364 3.52 -5.48 21.91
CA GLN A 364 3.33 -5.10 23.30
C GLN A 364 2.83 -6.27 24.14
N GLU A 365 1.86 -7.04 23.62
CA GLU A 365 1.33 -8.15 24.41
CA GLU A 365 1.31 -8.18 24.37
C GLU A 365 2.40 -9.20 24.69
N ILE A 366 3.26 -9.48 23.71
CA ILE A 366 4.26 -10.52 23.87
C ILE A 366 5.32 -10.09 24.87
N VAL A 367 5.87 -8.88 24.73
CA VAL A 367 6.95 -8.50 25.66
C VAL A 367 6.40 -8.38 27.08
N GLU A 368 5.17 -7.87 27.25
CA GLU A 368 4.58 -7.83 28.58
C GLU A 368 4.36 -9.24 29.15
N GLY A 369 3.88 -10.17 28.32
CA GLY A 369 3.66 -11.52 28.79
C GLY A 369 4.96 -12.21 29.15
N MET A 370 6.01 -11.97 28.37
CA MET A 370 7.34 -12.49 28.71
C MET A 370 7.84 -11.92 30.03
N LYS A 371 7.71 -10.62 30.23
CA LYS A 371 8.12 -10.03 31.49
C LYS A 371 7.38 -10.65 32.66
N GLN A 372 6.08 -10.87 32.52
CA GLN A 372 5.30 -11.44 33.62
C GLN A 372 5.74 -12.85 33.96
N LYS A 373 6.27 -13.57 32.98
CA LYS A 373 6.79 -14.92 33.21
C LYS A 373 8.29 -14.91 33.46
N MET A 374 8.88 -13.74 33.68
CA MET A 374 10.29 -13.58 34.08
C MET A 374 11.29 -14.00 32.98
N TRP A 375 10.92 -13.82 31.70
CA TRP A 375 11.83 -14.06 30.59
C TRP A 375 12.36 -12.73 30.08
N SER A 376 13.69 -12.62 29.97
CA SER A 376 14.30 -11.42 29.44
C SER A 376 13.94 -11.19 27.98
N ILE A 377 13.74 -9.92 27.61
CA ILE A 377 13.54 -9.59 26.19
C ILE A 377 14.81 -9.83 25.38
N GLU A 378 15.97 -10.05 26.04
CA GLU A 378 17.16 -10.47 25.31
C GLU A 378 16.91 -11.74 24.48
N ASN A 379 15.98 -12.59 24.93
CA ASN A 379 15.75 -13.89 24.32
C ASN A 379 15.04 -13.84 22.98
N ILE A 380 14.33 -12.74 22.69
CA ILE A 380 13.35 -12.70 21.60
C ILE A 380 13.72 -11.61 20.61
N ALA A 381 13.35 -11.83 19.36
CA ALA A 381 13.29 -10.80 18.35
C ALA A 381 12.00 -11.01 17.57
N PHE A 382 11.63 -10.01 16.77
CA PHE A 382 10.37 -10.02 16.06
C PHE A 382 10.62 -9.80 14.58
N GLY A 383 9.80 -10.45 13.76
CA GLY A 383 9.64 -10.08 12.37
C GLY A 383 8.22 -9.63 12.13
N SER A 384 8.05 -8.67 11.23
CA SER A 384 6.73 -8.08 10.99
C SER A 384 6.68 -7.67 9.53
N GLY A 385 5.61 -8.10 8.82
CA GLY A 385 5.47 -7.76 7.41
C GLY A 385 4.36 -6.77 7.18
N GLY A 386 3.15 -7.28 6.97
CA GLY A 386 2.02 -6.41 6.74
C GLY A 386 1.79 -5.41 7.86
N GLY A 387 1.93 -5.86 9.12
CA GLY A 387 1.72 -4.95 10.24
C GLY A 387 2.66 -3.77 10.22
N LEU A 388 3.86 -3.96 9.66
CA LEU A 388 4.91 -2.95 9.59
C LEU A 388 4.77 -2.01 8.39
N LEU A 389 4.42 -2.57 7.22
CA LEU A 389 4.49 -1.85 5.95
C LEU A 389 3.16 -1.69 5.21
N GLN A 390 2.13 -2.50 5.51
CA GLN A 390 0.91 -2.45 4.72
C GLN A 390 -0.35 -2.06 5.49
N LYS A 391 -0.48 -2.50 6.73
CA LYS A 391 -1.69 -2.28 7.53
C LYS A 391 -1.65 -0.89 8.17
N LEU A 392 -1.65 0.11 7.30
CA LEU A 392 -1.48 1.51 7.64
C LEU A 392 -2.25 2.32 6.60
N THR A 393 -2.91 3.39 7.04
CA THR A 393 -3.59 4.29 6.11
C THR A 393 -3.32 5.74 6.48
N ARG A 394 -3.71 6.62 5.57
CA ARG A 394 -3.57 8.04 5.80
C ARG A 394 -4.39 8.52 7.00
N ASP A 395 -5.37 7.73 7.45
CA ASP A 395 -6.16 8.09 8.64
C ASP A 395 -5.42 7.90 9.95
N LEU A 396 -4.35 7.10 9.98
CA LEU A 396 -3.69 6.81 11.26
C LEU A 396 -3.15 8.08 11.89
N LEU A 397 -2.39 8.87 11.14
CA LEU A 397 -1.91 10.17 11.59
C LEU A 397 -2.74 11.33 11.03
N ASN A 398 -3.77 11.02 10.23
CA ASN A 398 -4.72 12.00 9.72
C ASN A 398 -4.01 13.10 8.92
N CYS A 399 -3.25 12.65 7.92
CA CYS A 399 -2.43 13.53 7.10
C CYS A 399 -3.30 14.27 6.08
N SER A 400 -3.07 15.58 5.95
CA SER A 400 -3.96 16.46 5.21
C SER A 400 -3.20 17.65 4.61
N PHE A 401 -3.55 18.00 3.37
CA PHE A 401 -2.95 19.12 2.63
C PHE A 401 -4.05 20.11 2.29
N LYS A 402 -3.86 21.38 2.66
CA LYS A 402 -4.92 22.37 2.51
C LYS A 402 -4.35 23.73 2.16
N CYS A 403 -5.13 24.50 1.41
CA CYS A 403 -4.83 25.90 1.11
C CYS A 403 -5.15 26.78 2.32
N SER A 404 -4.17 27.60 2.74
CA SER A 404 -4.37 28.53 3.85
C SER A 404 -4.20 30.00 3.46
N TYR A 405 -3.71 30.32 2.27
CA TYR A 405 -3.48 31.71 1.91
C TYR A 405 -3.53 31.85 0.39
N VAL A 406 -4.20 32.92 -0.08
CA VAL A 406 -4.22 33.26 -1.50
C VAL A 406 -3.99 34.75 -1.64
N VAL A 407 -3.54 35.17 -2.81
CA VAL A 407 -3.52 36.59 -3.19
C VAL A 407 -4.40 36.73 -4.42
N THR A 408 -5.42 37.59 -4.31
CA THR A 408 -6.37 37.84 -5.39
C THR A 408 -6.52 39.35 -5.53
N ASN A 409 -6.41 39.84 -6.75
CA ASN A 409 -6.42 41.29 -7.00
C ASN A 409 -5.40 42.02 -6.13
N GLY A 410 -4.27 41.37 -5.89
CA GLY A 410 -3.19 41.97 -5.15
C GLY A 410 -3.33 41.96 -3.64
N LEU A 411 -4.42 41.42 -3.11
CA LEU A 411 -4.65 41.39 -1.66
C LEU A 411 -4.55 39.96 -1.14
N GLY A 412 -3.73 39.76 -0.11
CA GLY A 412 -3.63 38.45 0.49
C GLY A 412 -4.77 38.23 1.46
N ILE A 413 -5.37 37.04 1.39
CA ILE A 413 -6.45 36.68 2.30
C ILE A 413 -6.15 35.34 2.95
N ASN A 414 -6.48 35.22 4.23
CA ASN A 414 -6.29 34.00 4.99
C ASN A 414 -7.53 33.14 4.81
N VAL A 415 -7.34 31.92 4.31
CA VAL A 415 -8.45 31.06 3.95
C VAL A 415 -8.31 29.72 4.68
N PHE A 416 -9.45 29.04 4.79
CA PHE A 416 -9.55 27.86 5.65
C PHE A 416 -10.90 27.21 5.40
N LYS A 417 -11.00 25.94 5.81
CA LYS A 417 -12.26 25.24 5.95
C LYS A 417 -12.53 25.00 7.44
N ASP A 418 -13.82 24.89 7.79
CA ASP A 418 -14.28 24.67 9.16
C ASP A 418 -15.63 23.98 9.13
N PRO A 419 -15.72 22.69 8.78
CA PRO A 419 -17.04 22.09 8.58
C PRO A 419 -17.81 21.98 9.88
N VAL A 420 -19.12 22.28 9.80
CA VAL A 420 -19.93 22.41 11.01
C VAL A 420 -19.97 21.11 11.79
N ALA A 421 -19.97 19.97 11.11
CA ALA A 421 -20.17 18.71 11.80
C ALA A 421 -18.87 18.01 12.17
N ASP A 422 -17.71 18.61 11.92
CA ASP A 422 -16.45 17.96 12.28
C ASP A 422 -15.39 19.01 12.50
N PRO A 423 -15.32 19.57 13.70
CA PRO A 423 -14.25 20.53 14.02
C PRO A 423 -12.86 19.99 13.81
N ASN A 424 -12.68 18.67 13.76
CA ASN A 424 -11.36 18.11 13.54
C ASN A 424 -10.87 18.25 12.11
N LYS A 425 -11.75 18.62 11.16
CA LYS A 425 -11.32 18.95 9.81
C LYS A 425 -11.06 20.45 9.62
N ARG A 426 -11.20 21.26 10.66
CA ARG A 426 -10.81 22.66 10.55
C ARG A 426 -9.35 22.76 10.16
N SER A 427 -9.04 23.65 9.21
CA SER A 427 -7.67 23.88 8.79
C SER A 427 -7.16 25.24 9.28
N LYS A 428 -5.84 25.41 9.15
CA LYS A 428 -5.14 26.59 9.65
C LYS A 428 -5.28 27.76 8.69
N LYS A 429 -5.08 28.98 9.21
CA LYS A 429 -5.33 30.21 8.46
C LYS A 429 -4.04 30.97 8.17
N GLY A 430 -3.87 31.39 6.89
CA GLY A 430 -2.82 32.32 6.52
C GLY A 430 -1.44 31.70 6.36
N ARG A 431 -0.45 32.58 6.32
CA ARG A 431 0.93 32.14 6.17
C ARG A 431 1.43 31.54 7.48
N LEU A 432 2.13 30.41 7.35
CA LEU A 432 2.48 29.58 8.50
C LEU A 432 3.99 29.52 8.71
N SER A 433 4.38 29.32 9.97
CA SER A 433 5.77 29.11 10.32
C SER A 433 5.84 28.25 11.56
N LEU A 434 6.98 27.57 11.75
CA LEU A 434 7.20 26.63 12.83
C LEU A 434 8.28 27.20 13.74
N HIS A 435 8.03 27.16 15.05
CA HIS A 435 8.93 27.80 16.02
C HIS A 435 9.11 26.94 17.26
N ARG A 436 10.20 27.24 17.98
CA ARG A 436 10.40 26.74 19.33
C ARG A 436 9.67 27.66 20.32
N THR A 437 9.02 27.05 21.30
CA THR A 437 8.44 27.80 22.39
C THR A 437 9.50 28.07 23.46
N PRO A 438 9.21 28.95 24.43
CA PRO A 438 10.20 29.19 25.48
C PRO A 438 10.59 27.95 26.26
N ALA A 439 9.69 26.98 26.39
CA ALA A 439 10.02 25.71 27.03
C ALA A 439 10.68 24.71 26.10
N GLY A 440 10.93 25.07 24.84
CA GLY A 440 11.63 24.17 23.95
C GLY A 440 10.75 23.26 23.13
N ASN A 441 9.43 23.46 23.15
CA ASN A 441 8.51 22.65 22.36
C ASN A 441 8.25 23.32 21.02
N PHE A 442 7.41 22.71 20.20
CA PHE A 442 7.08 23.25 18.88
C PHE A 442 5.75 23.98 18.92
N VAL A 443 5.67 25.07 18.15
CA VAL A 443 4.42 25.76 17.92
C VAL A 443 4.36 26.19 16.46
N THR A 444 3.17 26.09 15.86
CA THR A 444 2.91 26.59 14.52
C THR A 444 2.17 27.91 14.64
N LEU A 445 2.75 28.97 14.08
CA LEU A 445 2.10 30.27 14.06
C LEU A 445 1.36 30.47 12.75
N GLU A 446 0.16 31.05 12.87
CA GLU A 446 -0.77 31.27 11.78
C GLU A 446 -0.83 32.77 11.45
N GLU A 447 -1.45 33.07 10.30
CA GLU A 447 -1.79 34.45 9.92
C GLU A 447 -0.55 35.33 9.78
N GLY A 448 0.57 34.74 9.39
CA GLY A 448 1.80 35.49 9.23
C GLY A 448 2.43 35.97 10.51
N LYS A 449 1.95 35.51 11.68
CA LYS A 449 2.43 36.04 12.94
C LYS A 449 3.89 35.71 13.22
N GLY A 450 4.48 34.74 12.52
CA GLY A 450 5.90 34.51 12.66
C GLY A 450 6.71 35.74 12.31
N ASP A 451 6.18 36.61 11.42
CA ASP A 451 6.90 37.81 11.00
C ASP A 451 7.13 38.77 12.15
N LEU A 452 6.33 38.68 13.20
CA LEU A 452 6.52 39.52 14.38
C LEU A 452 7.77 39.16 15.19
N GLU A 453 8.40 38.01 14.91
CA GLU A 453 9.66 37.61 15.52
C GLU A 453 9.57 37.50 17.05
N GLU A 454 8.39 37.21 17.58
CA GLU A 454 8.21 37.02 19.02
C GLU A 454 8.61 35.61 19.45
N TYR A 455 8.85 34.73 18.47
CA TYR A 455 9.14 33.32 18.71
C TYR A 455 10.41 32.89 17.96
N GLY A 456 11.27 33.84 17.62
CA GLY A 456 12.49 33.47 16.94
C GLY A 456 12.23 33.09 15.48
N GLN A 457 13.23 32.42 14.90
CA GLN A 457 13.22 32.17 13.48
C GLN A 457 12.36 30.95 13.13
N ASP A 458 11.84 30.98 11.91
CA ASP A 458 11.11 29.85 11.33
C ASP A 458 12.04 28.65 11.21
N LEU A 459 11.57 27.49 11.68
CA LEU A 459 12.36 26.26 11.59
C LEU A 459 12.22 25.54 10.26
N LEU A 460 11.23 25.88 9.43
CA LEU A 460 11.19 25.31 8.08
C LEU A 460 12.33 25.87 7.23
N HIS A 461 12.81 25.05 6.30
CA HIS A 461 13.84 25.41 5.34
C HIS A 461 13.32 25.21 3.94
N THR A 462 13.73 26.09 3.02
CA THR A 462 13.44 25.86 1.62
C THR A 462 14.19 24.62 1.13
N VAL A 463 13.44 23.60 0.69
CA VAL A 463 14.01 22.37 0.19
C VAL A 463 13.85 22.24 -1.33
N PHE A 464 12.95 23.00 -1.95
CA PHE A 464 12.73 22.96 -3.38
C PHE A 464 12.39 24.36 -3.85
N LYS A 465 13.02 24.81 -4.94
CA LYS A 465 12.65 26.09 -5.53
C LYS A 465 12.95 26.05 -7.02
N ASN A 466 11.93 26.29 -7.82
CA ASN A 466 12.07 26.52 -9.26
C ASN A 466 12.83 25.38 -9.94
N GLY A 467 12.43 24.17 -9.61
CA GLY A 467 12.94 22.97 -10.25
C GLY A 467 14.18 22.38 -9.63
N LYS A 468 14.72 22.98 -8.56
CA LYS A 468 15.94 22.51 -7.92
C LYS A 468 15.70 22.12 -6.46
N VAL A 469 16.37 21.05 -6.04
CA VAL A 469 16.45 20.70 -4.63
C VAL A 469 17.52 21.59 -4.02
N THR A 470 17.15 22.33 -2.98
CA THR A 470 17.97 23.38 -2.41
C THR A 470 18.53 23.04 -1.04
N LYS A 471 18.04 21.96 -0.41
CA LYS A 471 18.54 21.49 0.88
C LYS A 471 18.17 20.03 1.03
N SER A 472 19.09 19.23 1.59
CA SER A 472 18.92 17.78 1.61
C SER A 472 19.66 17.20 2.82
N TYR A 473 19.32 15.96 3.15
CA TYR A 473 19.76 15.30 4.36
C TYR A 473 20.26 13.90 4.03
N SER A 474 21.40 13.52 4.59
CA SER A 474 21.81 12.13 4.43
C SER A 474 20.96 11.21 5.30
N PHE A 475 20.98 9.93 4.99
CA PHE A 475 20.26 8.98 5.84
C PHE A 475 20.86 8.93 7.25
N ASP A 476 22.17 9.14 7.37
CA ASP A 476 22.77 9.17 8.70
C ASP A 476 22.24 10.34 9.53
N GLU A 477 22.05 11.51 8.90
N GLU A 477 22.01 11.51 8.93
CA GLU A 477 21.48 12.66 9.60
CA GLU A 477 21.50 12.61 9.73
C GLU A 477 20.07 12.35 10.08
C GLU A 477 20.02 12.44 10.06
N ILE A 478 19.27 11.75 9.21
CA ILE A 478 17.87 11.43 9.52
C ILE A 478 17.80 10.48 10.71
N ARG A 479 18.63 9.44 10.71
CA ARG A 479 18.65 8.51 11.84
C ARG A 479 18.98 9.22 13.15
N LYS A 480 19.94 10.15 13.12
N LYS A 480 19.92 10.16 13.11
CA LYS A 480 20.26 10.90 14.34
CA LYS A 480 20.27 10.90 14.32
C LYS A 480 19.08 11.73 14.81
C LYS A 480 19.11 11.76 14.81
N ASN A 481 18.40 12.41 13.88
CA ASN A 481 17.24 13.23 14.25
C ASN A 481 16.12 12.37 14.84
N ALA A 482 16.00 11.12 14.41
CA ALA A 482 14.90 10.26 14.81
C ALA A 482 15.23 9.40 16.04
N GLN A 483 16.39 9.59 16.64
CA GLN A 483 16.78 8.82 17.82
C GLN A 483 15.76 8.89 18.93
N LEU A 484 15.72 7.85 19.75
CA LEU A 484 14.93 7.88 20.97
C LEU A 484 15.66 8.75 22.00
N ASN A 485 14.88 9.34 22.89
CA ASN A 485 15.47 10.17 23.94
C ASN A 485 16.47 9.39 24.79
N ILE A 486 16.16 8.13 25.07
CA ILE A 486 16.96 7.31 25.99
C ILE A 486 18.46 7.45 25.72
N GLU B 20 17.91 0.83 -12.96
CA GLU B 20 16.91 -0.06 -13.52
C GLU B 20 16.61 -1.21 -12.54
N PHE B 21 15.45 -1.83 -12.73
CA PHE B 21 15.04 -2.95 -11.89
C PHE B 21 15.96 -4.13 -12.09
N ASN B 22 16.30 -4.78 -10.98
CA ASN B 22 17.19 -5.94 -10.96
C ASN B 22 16.51 -7.07 -10.20
N ILE B 23 16.06 -8.09 -10.93
CA ILE B 23 15.32 -9.20 -10.31
C ILE B 23 16.17 -9.91 -9.24
N LEU B 24 17.50 -9.85 -9.35
CA LEU B 24 18.35 -10.47 -8.32
C LEU B 24 18.29 -9.73 -7.00
N LEU B 25 17.76 -8.50 -6.98
CA LEU B 25 17.59 -7.72 -5.78
C LEU B 25 16.12 -7.53 -5.44
N ALA B 26 15.24 -8.36 -6.01
CA ALA B 26 13.81 -8.19 -5.82
C ALA B 26 13.20 -9.44 -5.16
N THR B 27 13.87 -9.94 -4.14
CA THR B 27 13.40 -11.07 -3.36
C THR B 27 13.61 -10.76 -1.89
N ASP B 28 12.92 -11.51 -1.05
CA ASP B 28 13.21 -11.50 0.38
C ASP B 28 14.65 -11.94 0.59
N SER B 29 15.39 -11.22 1.45
CA SER B 29 16.81 -11.57 1.65
C SER B 29 17.03 -13.05 1.93
N TYR B 30 16.20 -13.68 2.78
CA TYR B 30 16.53 -15.06 3.13
C TYR B 30 16.50 -16.00 1.93
N LYS B 31 15.75 -15.67 0.89
CA LYS B 31 15.69 -16.53 -0.30
C LYS B 31 17.03 -16.62 -1.01
N VAL B 32 17.90 -15.62 -0.84
CA VAL B 32 19.27 -15.66 -1.35
C VAL B 32 19.98 -16.90 -0.84
N THR B 33 19.57 -17.41 0.34
CA THR B 33 20.31 -18.49 0.99
C THR B 33 19.64 -19.84 0.82
N HIS B 34 18.50 -19.92 0.14
CA HIS B 34 17.75 -21.16 0.13
C HIS B 34 18.33 -22.22 -0.78
N TYR B 35 19.13 -21.85 -1.78
CA TYR B 35 19.70 -22.86 -2.67
C TYR B 35 20.59 -23.86 -1.92
N LYS B 36 21.11 -23.48 -0.75
CA LYS B 36 21.92 -24.35 0.13
C LYS B 36 21.08 -25.17 1.09
N GLN B 37 19.77 -24.99 1.09
CA GLN B 37 18.92 -25.61 2.10
C GLN B 37 18.03 -26.72 1.57
N TYR B 38 17.68 -26.72 0.29
CA TYR B 38 16.85 -27.76 -0.29
C TYR B 38 17.59 -29.08 -0.24
N PRO B 39 16.88 -30.20 -0.27
CA PRO B 39 17.55 -31.51 -0.30
C PRO B 39 18.52 -31.60 -1.45
N PRO B 40 19.72 -32.12 -1.22
CA PRO B 40 20.56 -32.50 -2.36
C PRO B 40 19.82 -33.38 -3.35
N ASN B 41 20.20 -33.22 -4.63
CA ASN B 41 19.66 -34.00 -5.74
C ASN B 41 18.22 -33.64 -6.06
N THR B 42 17.84 -32.39 -5.80
CA THR B 42 16.50 -31.90 -6.13
C THR B 42 16.54 -31.23 -7.51
N SER B 43 15.70 -31.72 -8.42
CA SER B 43 15.66 -31.23 -9.79
C SER B 43 14.40 -30.42 -10.11
N LYS B 44 13.40 -30.43 -9.23
CA LYS B 44 12.16 -29.71 -9.49
C LYS B 44 11.62 -29.19 -8.17
N VAL B 45 11.20 -27.92 -8.16
CA VAL B 45 10.41 -27.35 -7.08
C VAL B 45 9.17 -26.74 -7.73
N TYR B 46 7.99 -27.19 -7.28
CA TYR B 46 6.71 -26.80 -7.84
C TYR B 46 5.87 -26.18 -6.73
N SER B 47 5.36 -24.98 -6.98
CA SER B 47 4.67 -24.18 -5.99
C SER B 47 3.39 -23.58 -6.57
N TYR B 48 2.49 -23.15 -5.68
CA TYR B 48 1.18 -22.69 -6.11
C TYR B 48 0.71 -21.55 -5.20
N PHE B 49 -0.24 -20.78 -5.72
CA PHE B 49 -0.83 -19.63 -5.04
C PHE B 49 -2.32 -19.88 -4.85
N GLU B 50 -2.83 -19.59 -3.66
CA GLU B 50 -4.27 -19.66 -3.38
C GLU B 50 -4.66 -18.57 -2.40
N CYS B 51 -5.97 -18.33 -2.31
CA CYS B 51 -6.59 -17.52 -1.27
C CYS B 51 -7.19 -18.51 -0.28
N ARG B 52 -6.60 -18.62 0.90
CA ARG B 52 -6.93 -19.73 1.78
C ARG B 52 -8.38 -19.65 2.27
N GLU B 53 -8.99 -20.84 2.37
CA GLU B 53 -10.43 -21.15 2.30
C GLU B 53 -11.36 -20.22 3.09
N VAL B 54 -12.42 -19.73 2.39
CA VAL B 54 -13.85 -19.61 2.78
C VAL B 54 -14.41 -18.24 3.13
N LYS B 55 -13.74 -17.44 3.95
CA LYS B 55 -14.44 -16.31 4.58
C LYS B 55 -15.25 -15.44 3.62
N TYR B 56 -14.92 -15.47 2.33
CA TYR B 56 -15.46 -14.57 1.33
C TYR B 56 -16.34 -15.26 0.30
N GLU B 57 -16.03 -16.51 0.01
CA GLU B 57 -16.34 -17.19 -1.25
C GLU B 57 -15.47 -16.60 -2.34
N GLU B 58 -15.94 -15.65 -3.17
CA GLU B 58 -15.47 -15.57 -4.55
C GLU B 58 -14.60 -14.36 -4.86
N THR B 59 -13.44 -14.65 -5.44
CA THR B 59 -12.37 -13.71 -5.74
C THR B 59 -12.27 -13.49 -7.24
N VAL B 60 -11.78 -12.31 -7.61
CA VAL B 60 -11.51 -11.95 -9.00
C VAL B 60 -10.01 -12.09 -9.23
N PHE B 61 -9.60 -12.98 -10.15
CA PHE B 61 -8.17 -13.18 -10.37
C PHE B 61 -7.70 -12.13 -11.37
N TYR B 62 -6.83 -11.23 -10.92
CA TYR B 62 -6.43 -10.11 -11.76
C TYR B 62 -5.06 -9.59 -11.30
N GLY B 63 -4.18 -9.32 -12.28
CA GLY B 63 -2.97 -8.53 -12.09
C GLY B 63 -1.68 -9.27 -12.39
N LEU B 64 -1.73 -10.58 -12.62
CA LEU B 64 -0.50 -11.34 -12.86
C LEU B 64 0.19 -10.90 -14.16
N GLN B 65 -0.61 -10.62 -15.20
CA GLN B 65 -0.05 -10.25 -16.50
C GLN B 65 0.80 -8.98 -16.41
N TYR B 66 0.41 -8.04 -15.56
CA TYR B 66 1.25 -6.87 -15.29
C TYR B 66 2.62 -7.31 -14.78
N ILE B 67 2.64 -8.20 -13.78
CA ILE B 67 3.90 -8.63 -13.17
C ILE B 67 4.75 -9.40 -14.19
N LEU B 68 4.12 -10.29 -14.96
CA LEU B 68 4.85 -11.06 -15.97
C LEU B 68 5.59 -10.14 -16.95
N ASN B 69 4.89 -9.14 -17.45
CA ASN B 69 5.46 -8.26 -18.48
C ASN B 69 6.44 -7.26 -17.90
N LYS B 70 6.10 -6.64 -16.77
CA LYS B 70 6.97 -5.57 -16.26
C LYS B 70 8.28 -6.12 -15.70
N TYR B 71 8.25 -7.31 -15.07
CA TYR B 71 9.35 -7.76 -14.22
C TYR B 71 9.95 -9.10 -14.59
N LEU B 72 9.19 -10.02 -15.19
CA LEU B 72 9.73 -11.38 -15.36
C LEU B 72 10.14 -11.76 -16.77
N LYS B 73 9.63 -11.11 -17.82
CA LYS B 73 9.86 -11.59 -19.18
C LYS B 73 11.14 -11.03 -19.78
N GLY B 74 11.66 -11.73 -20.79
CA GLY B 74 12.83 -11.26 -21.53
C GLY B 74 14.15 -11.49 -20.80
N LYS B 75 15.16 -10.73 -21.20
CA LYS B 75 16.50 -10.87 -20.62
C LYS B 75 16.53 -10.09 -19.31
N VAL B 76 16.37 -10.78 -18.20
CA VAL B 76 16.31 -10.14 -16.88
C VAL B 76 17.60 -10.31 -16.10
N VAL B 77 18.55 -11.09 -16.62
CA VAL B 77 19.85 -11.30 -16.01
C VAL B 77 20.90 -10.73 -16.96
N THR B 78 21.83 -9.95 -16.41
CA THR B 78 23.00 -9.50 -17.13
C THR B 78 24.23 -9.64 -16.24
N LYS B 79 25.41 -9.58 -16.85
CA LYS B 79 26.65 -9.63 -16.08
C LYS B 79 26.70 -8.52 -15.04
N GLU B 80 26.25 -7.32 -15.41
CA GLU B 80 26.30 -6.21 -14.46
C GLU B 80 25.34 -6.43 -13.30
N LYS B 81 24.16 -6.99 -13.57
CA LYS B 81 23.21 -7.22 -12.50
C LYS B 81 23.70 -8.29 -11.54
N ILE B 82 24.39 -9.31 -12.05
CA ILE B 82 24.94 -10.33 -11.18
C ILE B 82 26.01 -9.71 -10.26
N GLN B 83 26.91 -8.91 -10.84
CA GLN B 83 27.95 -8.29 -10.02
C GLN B 83 27.36 -7.34 -8.99
N GLU B 84 26.33 -6.56 -9.38
CA GLU B 84 25.69 -5.65 -8.44
C GLU B 84 25.09 -6.41 -7.27
N ALA B 85 24.34 -7.48 -7.55
CA ALA B 85 23.78 -8.28 -6.46
C ALA B 85 24.87 -8.90 -5.59
N LYS B 86 25.92 -9.43 -6.22
CA LYS B 86 27.02 -9.99 -5.44
C LYS B 86 27.60 -8.96 -4.47
N ASP B 87 27.79 -7.71 -4.93
CA ASP B 87 28.39 -6.69 -4.07
C ASP B 87 27.46 -6.29 -2.93
N VAL B 88 26.16 -6.13 -3.23
CA VAL B 88 25.20 -5.74 -2.19
C VAL B 88 25.09 -6.84 -1.14
N TYR B 89 24.94 -8.09 -1.58
CA TYR B 89 24.71 -9.17 -0.62
C TYR B 89 25.94 -9.46 0.24
N LYS B 90 27.16 -9.27 -0.29
CA LYS B 90 28.35 -9.38 0.53
C LYS B 90 28.28 -8.47 1.75
N GLU B 91 27.79 -7.24 1.57
CA GLU B 91 27.68 -6.30 2.69
C GLU B 91 26.43 -6.59 3.53
N HIS B 92 25.32 -6.93 2.87
CA HIS B 92 24.03 -7.12 3.55
C HIS B 92 24.09 -8.31 4.49
N PHE B 93 24.76 -9.39 4.09
CA PHE B 93 24.91 -10.58 4.94
C PHE B 93 26.24 -10.65 5.69
N GLN B 94 27.19 -9.76 5.38
CA GLN B 94 28.54 -9.83 5.98
C GLN B 94 29.17 -11.19 5.71
N ASP B 95 28.93 -11.70 4.50
CA ASP B 95 29.24 -13.09 4.14
C ASP B 95 28.94 -13.30 2.66
N ASP B 96 29.51 -14.36 2.07
N ASP B 96 29.68 -14.21 2.05
CA ASP B 96 29.53 -14.53 0.60
CA ASP B 96 29.47 -14.58 0.66
C ASP B 96 28.46 -15.47 0.02
C ASP B 96 28.54 -15.78 0.70
N VAL B 97 27.25 -15.51 0.58
CA VAL B 97 26.26 -16.58 0.37
C VAL B 97 25.57 -16.55 -1.00
N PHE B 98 25.69 -15.48 -1.77
CA PHE B 98 24.95 -15.35 -3.02
C PHE B 98 25.33 -16.40 -4.08
N ASN B 99 24.31 -16.95 -4.77
CA ASN B 99 24.47 -18.01 -5.78
C ASN B 99 24.85 -17.40 -7.13
N GLU B 100 26.09 -16.90 -7.20
CA GLU B 100 26.60 -16.36 -8.45
C GLU B 100 26.63 -17.42 -9.54
N LYS B 101 27.10 -18.63 -9.22
CA LYS B 101 27.15 -19.69 -10.22
C LYS B 101 25.78 -19.95 -10.83
N GLY B 102 24.74 -20.02 -9.99
CA GLY B 102 23.42 -20.36 -10.50
C GLY B 102 22.83 -19.29 -11.38
N TRP B 103 23.06 -18.01 -11.03
CA TRP B 103 22.58 -16.92 -11.86
C TRP B 103 23.38 -16.81 -13.15
N ASN B 104 24.71 -17.05 -13.08
CA ASN B 104 25.49 -17.00 -14.32
C ASN B 104 25.09 -18.12 -15.28
N TYR B 105 24.63 -19.26 -14.73
CA TYR B 105 24.13 -20.35 -15.57
C TYR B 105 22.95 -19.92 -16.42
N ILE B 106 21.98 -19.24 -15.81
CA ILE B 106 20.85 -18.71 -16.57
C ILE B 106 21.31 -17.71 -17.63
N LEU B 107 22.26 -16.85 -17.28
CA LEU B 107 22.78 -15.87 -18.23
C LEU B 107 23.38 -16.56 -19.45
N GLU B 108 24.22 -17.57 -19.22
CA GLU B 108 24.97 -18.17 -20.33
C GLU B 108 24.11 -19.14 -21.13
N LYS B 109 23.25 -19.92 -20.47
CA LYS B 109 22.50 -20.94 -21.17
C LYS B 109 21.26 -20.40 -21.84
N TYR B 110 20.61 -19.40 -21.24
CA TYR B 110 19.30 -18.95 -21.68
C TYR B 110 19.29 -17.48 -22.03
N ASP B 111 20.46 -16.88 -22.22
CA ASP B 111 20.57 -15.44 -22.50
C ASP B 111 19.81 -14.61 -21.47
N GLY B 112 19.87 -15.05 -20.22
CA GLY B 112 19.24 -14.34 -19.11
C GLY B 112 17.73 -14.42 -19.05
N HIS B 113 17.10 -15.35 -19.78
CA HIS B 113 15.67 -15.61 -19.68
C HIS B 113 15.39 -16.67 -18.61
N LEU B 114 14.35 -16.45 -17.82
CA LEU B 114 14.07 -17.33 -16.67
C LEU B 114 13.50 -18.68 -17.11
N PRO B 115 14.14 -19.82 -16.74
CA PRO B 115 13.59 -21.15 -17.08
C PRO B 115 12.55 -21.59 -16.07
N ILE B 116 11.38 -20.97 -16.24
CA ILE B 116 10.23 -21.08 -15.35
C ILE B 116 8.99 -21.27 -16.21
N GLU B 117 8.05 -22.08 -15.73
CA GLU B 117 6.72 -22.16 -16.35
C GLU B 117 5.66 -21.80 -15.31
N ILE B 118 4.78 -20.86 -15.68
CA ILE B 118 3.66 -20.42 -14.83
C ILE B 118 2.36 -20.71 -15.57
N LYS B 119 1.45 -21.42 -14.90
CA LYS B 119 0.11 -21.71 -15.40
C LYS B 119 -0.88 -21.01 -14.49
N ALA B 120 -1.91 -20.41 -15.08
CA ALA B 120 -2.82 -19.56 -14.32
C ALA B 120 -4.24 -19.63 -14.87
N VAL B 121 -5.20 -19.40 -13.97
CA VAL B 121 -6.60 -19.27 -14.37
C VAL B 121 -6.75 -17.96 -15.15
N PRO B 122 -7.66 -17.86 -16.13
CA PRO B 122 -7.74 -16.63 -16.93
C PRO B 122 -8.07 -15.43 -16.04
N GLU B 123 -7.50 -14.29 -16.41
CA GLU B 123 -7.72 -13.09 -15.64
C GLU B 123 -9.17 -12.63 -15.79
N GLY B 124 -9.71 -12.09 -14.71
CA GLY B 124 -11.11 -11.77 -14.62
C GLY B 124 -11.98 -12.91 -14.09
N PHE B 125 -11.48 -14.15 -14.08
CA PHE B 125 -12.27 -15.26 -13.58
C PHE B 125 -12.64 -15.04 -12.12
N VAL B 126 -13.88 -15.38 -11.81
CA VAL B 126 -14.45 -15.28 -10.48
C VAL B 126 -14.47 -16.69 -9.90
N ILE B 127 -13.65 -16.90 -8.86
CA ILE B 127 -13.32 -18.23 -8.32
C ILE B 127 -13.47 -18.23 -6.80
N PRO B 128 -14.08 -19.25 -6.20
CA PRO B 128 -14.12 -19.31 -4.72
C PRO B 128 -12.74 -19.45 -4.13
N ARG B 129 -12.63 -19.01 -2.88
CA ARG B 129 -11.42 -19.21 -2.11
C ARG B 129 -11.13 -20.70 -1.95
N GLY B 130 -9.87 -21.00 -1.71
CA GLY B 130 -9.41 -22.36 -1.48
C GLY B 130 -9.03 -23.11 -2.73
N ASN B 131 -8.87 -22.42 -3.84
CA ASN B 131 -8.56 -23.02 -5.14
C ASN B 131 -7.20 -22.56 -5.64
N VAL B 132 -6.51 -23.44 -6.38
CA VAL B 132 -5.29 -23.02 -7.05
C VAL B 132 -5.61 -21.97 -8.10
N LEU B 133 -4.90 -20.86 -8.06
CA LEU B 133 -5.03 -19.78 -9.05
C LEU B 133 -3.88 -19.73 -10.03
N PHE B 134 -2.67 -20.02 -9.59
CA PHE B 134 -1.55 -20.21 -10.51
C PHE B 134 -0.52 -21.12 -9.85
N THR B 135 0.29 -21.75 -10.71
CA THR B 135 1.40 -22.61 -10.29
C THR B 135 2.68 -22.14 -10.98
N VAL B 136 3.81 -22.48 -10.35
CA VAL B 136 5.13 -22.07 -10.79
C VAL B 136 6.07 -23.28 -10.66
N GLU B 137 6.90 -23.49 -11.67
CA GLU B 137 7.90 -24.56 -11.61
C GLU B 137 9.07 -24.22 -12.51
N ASN B 138 10.23 -24.78 -12.18
CA ASN B 138 11.41 -24.61 -13.01
C ASN B 138 11.41 -25.61 -14.16
N THR B 139 11.93 -25.18 -15.32
CA THR B 139 11.96 -26.03 -16.51
C THR B 139 13.34 -26.62 -16.75
N ASP B 140 14.33 -26.24 -15.95
CA ASP B 140 15.69 -26.77 -16.03
C ASP B 140 16.08 -27.28 -14.65
N PRO B 141 16.59 -28.51 -14.53
CA PRO B 141 16.90 -29.05 -13.20
C PRO B 141 17.89 -28.22 -12.41
N GLU B 142 18.79 -27.51 -13.07
CA GLU B 142 19.76 -26.69 -12.37
C GLU B 142 19.10 -25.55 -11.62
N CYS B 143 17.88 -25.18 -12.00
CA CYS B 143 17.24 -23.99 -11.48
C CYS B 143 16.10 -24.32 -10.53
N TYR B 144 16.23 -25.42 -9.78
CA TYR B 144 15.27 -25.82 -8.76
C TYR B 144 15.03 -24.70 -7.76
N TRP B 145 16.06 -23.87 -7.52
CA TRP B 145 16.02 -22.77 -6.56
C TRP B 145 15.26 -21.55 -7.09
N LEU B 146 14.99 -21.48 -8.38
CA LEU B 146 14.43 -20.25 -8.95
C LEU B 146 12.93 -20.14 -8.71
N THR B 147 12.24 -21.28 -8.56
CA THR B 147 10.79 -21.28 -8.37
C THR B 147 10.39 -20.37 -7.22
N ASN B 148 11.05 -20.53 -6.07
CA ASN B 148 10.63 -19.76 -4.92
C ASN B 148 11.44 -18.47 -4.73
N TRP B 149 12.51 -18.28 -5.52
CA TRP B 149 13.12 -16.95 -5.60
C TRP B 149 12.07 -15.91 -5.94
N ILE B 150 11.19 -16.23 -6.89
CA ILE B 150 10.22 -15.27 -7.41
C ILE B 150 8.89 -15.33 -6.65
N GLU B 151 8.84 -16.03 -5.51
CA GLU B 151 7.64 -15.97 -4.68
C GLU B 151 7.29 -14.53 -4.32
N THR B 152 8.28 -13.77 -3.88
CA THR B 152 8.01 -12.46 -3.30
C THR B 152 7.33 -11.55 -4.32
N ILE B 153 7.84 -11.51 -5.54
CA ILE B 153 7.24 -10.63 -6.54
C ILE B 153 5.88 -11.15 -7.01
N LEU B 154 5.72 -12.48 -7.08
CA LEU B 154 4.44 -13.02 -7.53
C LEU B 154 3.36 -12.87 -6.47
N VAL B 155 3.72 -12.98 -5.19
CA VAL B 155 2.72 -12.88 -4.12
C VAL B 155 2.13 -11.49 -4.04
N GLN B 156 2.83 -10.46 -4.55
CA GLN B 156 2.26 -9.12 -4.62
C GLN B 156 1.02 -9.04 -5.52
N SER B 157 0.74 -10.09 -6.30
CA SER B 157 -0.55 -10.20 -6.96
C SER B 157 -1.72 -10.19 -5.97
N TRP B 158 -1.46 -10.42 -4.68
CA TRP B 158 -2.53 -10.31 -3.68
C TRP B 158 -3.23 -8.96 -3.80
N TYR B 159 -2.48 -7.91 -4.14
CA TYR B 159 -3.04 -6.56 -4.08
C TYR B 159 -4.08 -6.33 -5.17
N PRO B 160 -3.78 -6.51 -6.46
CA PRO B 160 -4.83 -6.32 -7.48
C PRO B 160 -5.97 -7.32 -7.36
N ILE B 161 -5.70 -8.54 -6.91
CA ILE B 161 -6.78 -9.50 -6.65
C ILE B 161 -7.73 -8.95 -5.59
N THR B 162 -7.16 -8.44 -4.50
CA THR B 162 -7.97 -8.00 -3.37
C THR B 162 -8.72 -6.71 -3.70
N VAL B 163 -8.07 -5.76 -4.39
CA VAL B 163 -8.78 -4.55 -4.80
C VAL B 163 -9.95 -4.92 -5.71
N ALA B 164 -9.68 -5.78 -6.72
CA ALA B 164 -10.71 -6.14 -7.70
C ALA B 164 -11.87 -6.86 -7.03
N THR B 165 -11.56 -7.72 -6.07
CA THR B 165 -12.58 -8.50 -5.35
C THR B 165 -13.42 -7.59 -4.45
N ASN B 166 -12.76 -6.77 -3.62
CA ASN B 166 -13.48 -5.87 -2.72
C ASN B 166 -14.32 -4.86 -3.48
N SER B 167 -13.85 -4.44 -4.66
CA SER B 167 -14.61 -3.52 -5.49
C SER B 167 -15.84 -4.21 -6.08
N ARG B 168 -15.68 -5.46 -6.54
CA ARG B 168 -16.84 -6.22 -7.04
C ARG B 168 -17.84 -6.54 -5.94
N GLU B 169 -17.38 -6.78 -4.70
CA GLU B 169 -18.31 -7.01 -3.61
C GLU B 169 -19.12 -5.75 -3.32
N GLN B 170 -18.53 -4.56 -3.49
CA GLN B 170 -19.31 -3.32 -3.34
C GLN B 170 -20.30 -3.16 -4.48
N LYS B 171 -19.88 -3.54 -5.69
CA LYS B 171 -20.79 -3.51 -6.84
C LYS B 171 -22.00 -4.39 -6.62
N LYS B 172 -21.83 -5.55 -5.94
CA LYS B 172 -22.98 -6.42 -5.68
C LYS B 172 -23.99 -5.77 -4.74
N ILE B 173 -23.50 -5.11 -3.70
CA ILE B 173 -24.37 -4.37 -2.77
C ILE B 173 -25.12 -3.28 -3.51
N LEU B 174 -24.39 -2.48 -4.29
CA LEU B 174 -25.03 -1.40 -5.04
C LEU B 174 -26.08 -1.95 -6.00
N ALA B 175 -25.76 -3.05 -6.69
CA ALA B 175 -26.72 -3.63 -7.65
C ALA B 175 -28.00 -4.08 -6.96
N LYS B 176 -27.87 -4.77 -5.83
CA LYS B 176 -29.03 -5.24 -5.08
C LYS B 176 -29.95 -4.08 -4.72
N TYR B 177 -29.41 -3.02 -4.13
CA TYR B 177 -30.23 -1.91 -3.65
C TYR B 177 -30.74 -1.04 -4.80
N LEU B 178 -29.96 -0.89 -5.87
CA LEU B 178 -30.44 -0.15 -7.04
C LEU B 178 -31.59 -0.89 -7.71
N LEU B 179 -31.46 -2.20 -7.86
CA LEU B 179 -32.56 -2.98 -8.43
C LEU B 179 -33.81 -2.89 -7.56
N GLU B 180 -33.66 -3.04 -6.25
N GLU B 180 -33.66 -3.00 -6.24
CA GLU B 180 -34.84 -3.00 -5.39
CA GLU B 180 -34.81 -3.01 -5.34
C GLU B 180 -35.55 -1.65 -5.47
C GLU B 180 -35.52 -1.68 -5.29
N THR B 181 -34.78 -0.57 -5.35
CA THR B 181 -35.41 0.74 -5.24
C THR B 181 -35.76 1.39 -6.58
N SER B 182 -35.29 0.86 -7.70
CA SER B 182 -35.55 1.49 -9.00
C SER B 182 -36.03 0.54 -10.10
N GLY B 183 -35.79 -0.76 -9.97
CA GLY B 183 -36.18 -1.73 -10.98
C GLY B 183 -35.17 -2.01 -12.07
N ASN B 184 -34.01 -1.33 -12.08
CA ASN B 184 -33.00 -1.61 -13.08
C ASN B 184 -31.62 -1.26 -12.52
N LEU B 185 -30.60 -1.45 -13.36
CA LEU B 185 -29.20 -1.23 -12.98
C LEU B 185 -28.56 -0.06 -13.75
N ASP B 186 -29.37 0.81 -14.35
CA ASP B 186 -28.81 1.93 -15.09
C ASP B 186 -27.85 2.73 -14.21
N GLY B 187 -26.67 3.01 -14.75
CA GLY B 187 -25.69 3.86 -14.08
C GLY B 187 -24.84 3.17 -13.04
N LEU B 188 -25.11 1.89 -12.78
CA LEU B 188 -24.37 1.14 -11.75
C LEU B 188 -22.85 1.32 -11.88
N GLU B 189 -22.33 1.30 -13.11
CA GLU B 189 -20.88 1.35 -13.32
C GLU B 189 -20.26 2.70 -12.98
N TYR B 190 -21.06 3.71 -12.66
CA TYR B 190 -20.54 5.00 -12.23
C TYR B 190 -20.88 5.30 -10.77
N LYS B 191 -21.33 4.30 -10.02
CA LYS B 191 -21.80 4.53 -8.65
C LYS B 191 -20.68 4.49 -7.60
N LEU B 192 -19.49 4.04 -7.94
CA LEU B 192 -18.38 3.96 -6.97
C LEU B 192 -17.14 4.49 -7.69
N HIS B 193 -16.76 5.71 -7.34
CA HIS B 193 -15.70 6.47 -7.99
C HIS B 193 -14.42 6.37 -7.15
N ASP B 194 -13.31 6.10 -7.81
CA ASP B 194 -11.99 5.96 -7.17
C ASP B 194 -11.45 7.35 -6.84
N PHE B 195 -11.33 7.64 -5.54
CA PHE B 195 -10.74 8.86 -4.98
C PHE B 195 -9.38 8.58 -4.32
N GLY B 196 -8.78 7.42 -4.56
CA GLY B 196 -7.67 6.94 -3.74
C GLY B 196 -6.26 7.31 -4.13
N TYR B 197 -6.03 8.21 -5.10
CA TYR B 197 -4.66 8.45 -5.55
C TYR B 197 -3.76 8.97 -4.42
N ARG B 198 -4.25 9.94 -3.63
CA ARG B 198 -3.41 10.54 -2.58
C ARG B 198 -3.23 9.61 -1.38
N GLY B 199 -4.18 8.68 -1.20
CA GLY B 199 -4.27 7.84 -0.04
C GLY B 199 -3.57 6.49 -0.17
N VAL B 200 -2.97 6.16 -1.30
CA VAL B 200 -2.17 4.93 -1.39
C VAL B 200 -0.71 5.24 -1.10
N SER B 201 0.11 4.21 -1.03
CA SER B 201 1.46 4.32 -0.54
C SER B 201 2.49 4.69 -1.60
N SER B 202 2.14 4.64 -2.89
CA SER B 202 3.10 4.97 -3.94
C SER B 202 2.40 5.21 -5.28
N GLN B 203 3.14 5.81 -6.20
CA GLN B 203 2.67 5.95 -7.57
C GLN B 203 2.38 4.60 -8.21
N GLU B 204 3.28 3.63 -8.01
CA GLU B 204 3.05 2.33 -8.65
C GLU B 204 1.80 1.67 -8.10
N THR B 205 1.60 1.72 -6.77
CA THR B 205 0.40 1.15 -6.20
C THR B 205 -0.86 1.83 -6.75
N ALA B 206 -0.80 3.15 -6.93
CA ALA B 206 -1.94 3.86 -7.48
C ALA B 206 -2.41 3.27 -8.80
N GLY B 207 -1.48 3.09 -9.73
CA GLY B 207 -1.87 2.56 -11.04
C GLY B 207 -2.41 1.15 -10.95
N ILE B 208 -1.74 0.29 -10.16
CA ILE B 208 -2.19 -1.10 -10.02
C ILE B 208 -3.59 -1.14 -9.42
N GLY B 209 -3.77 -0.43 -8.30
CA GLY B 209 -5.04 -0.47 -7.60
C GLY B 209 -6.17 0.15 -8.41
N ALA B 210 -5.92 1.31 -9.03
CA ALA B 210 -6.95 1.94 -9.86
C ALA B 210 -7.35 1.02 -11.01
N SER B 211 -6.38 0.33 -11.61
CA SER B 211 -6.71 -0.57 -12.71
C SER B 211 -7.59 -1.72 -12.23
N ALA B 212 -7.40 -2.16 -10.99
CA ALA B 212 -8.21 -3.25 -10.48
C ALA B 212 -9.65 -2.81 -10.23
N HIS B 213 -9.84 -1.59 -9.73
CA HIS B 213 -11.19 -1.07 -9.56
C HIS B 213 -11.91 -0.95 -10.90
N LEU B 214 -11.18 -0.56 -11.95
CA LEU B 214 -11.79 -0.42 -13.27
C LEU B 214 -12.20 -1.76 -13.87
N VAL B 215 -11.81 -2.90 -13.30
CA VAL B 215 -12.42 -4.16 -13.73
C VAL B 215 -13.93 -4.13 -13.55
N ASN B 216 -14.43 -3.39 -12.53
CA ASN B 216 -15.83 -3.41 -12.14
C ASN B 216 -16.56 -2.12 -12.44
N PHE B 217 -15.86 -0.99 -12.46
CA PHE B 217 -16.50 0.31 -12.59
C PHE B 217 -15.79 1.13 -13.67
N LYS B 218 -16.39 2.28 -14.00
CA LYS B 218 -15.83 3.14 -15.04
C LYS B 218 -15.45 4.54 -14.57
N GLY B 219 -15.72 4.92 -13.33
CA GLY B 219 -15.42 6.25 -12.83
C GLY B 219 -14.19 6.28 -11.94
N THR B 220 -13.25 7.15 -12.29
CA THR B 220 -12.01 7.22 -11.52
C THR B 220 -11.38 8.60 -11.63
N ASP B 221 -10.77 9.02 -10.52
CA ASP B 221 -9.87 10.17 -10.52
C ASP B 221 -8.42 9.75 -10.40
N THR B 222 -8.13 8.45 -10.33
CA THR B 222 -6.75 7.97 -10.17
C THR B 222 -6.20 7.68 -11.57
N VAL B 223 -5.73 8.78 -12.20
CA VAL B 223 -5.31 8.81 -13.61
C VAL B 223 -4.29 7.74 -13.92
N ALA B 224 -3.42 7.42 -12.95
CA ALA B 224 -2.38 6.42 -13.17
C ALA B 224 -2.92 5.08 -13.65
N GLY B 225 -4.18 4.74 -13.33
CA GLY B 225 -4.70 3.45 -13.78
C GLY B 225 -4.85 3.36 -15.29
N LEU B 226 -5.09 4.50 -15.95
CA LEU B 226 -5.36 4.50 -17.39
C LEU B 226 -4.15 4.00 -18.18
N ALA B 227 -2.97 4.55 -17.88
CA ALA B 227 -1.75 4.21 -18.60
C ALA B 227 -1.35 2.76 -18.35
N LEU B 228 -1.55 2.26 -17.13
CA LEU B 228 -1.23 0.87 -16.86
C LEU B 228 -2.08 -0.06 -17.73
N ILE B 229 -3.38 0.20 -17.81
CA ILE B 229 -4.24 -0.65 -18.61
C ILE B 229 -3.85 -0.58 -20.09
N LYS B 230 -3.55 0.63 -20.58
CA LYS B 230 -3.20 0.78 -21.99
C LYS B 230 -1.94 0.00 -22.33
N LYS B 231 -0.94 0.03 -21.45
CA LYS B 231 0.35 -0.59 -21.73
C LYS B 231 0.33 -2.11 -21.59
N TYR B 232 -0.40 -2.65 -20.59
CA TYR B 232 -0.27 -4.06 -20.22
C TYR B 232 -1.47 -4.93 -20.58
N TYR B 233 -2.63 -4.35 -20.85
CA TYR B 233 -3.83 -5.13 -21.09
C TYR B 233 -4.55 -4.73 -22.37
N GLY B 234 -4.93 -3.46 -22.50
CA GLY B 234 -5.57 -2.96 -23.69
C GLY B 234 -7.09 -2.92 -23.68
N THR B 235 -7.68 -1.87 -24.24
CA THR B 235 -9.13 -1.77 -24.39
C THR B 235 -9.44 -1.31 -25.81
N LYS B 236 -10.59 -1.75 -26.31
CA LYS B 236 -11.03 -1.23 -27.60
C LYS B 236 -11.45 0.24 -27.49
N ASP B 237 -12.03 0.66 -26.35
CA ASP B 237 -12.31 2.08 -26.16
C ASP B 237 -11.00 2.87 -25.97
N PRO B 238 -11.00 4.17 -26.30
CA PRO B 238 -9.78 4.97 -26.08
C PRO B 238 -9.28 4.94 -24.65
N VAL B 239 -10.16 5.05 -23.66
CA VAL B 239 -9.75 4.98 -22.26
C VAL B 239 -10.66 4.06 -21.48
N PRO B 240 -10.16 3.40 -20.42
CA PRO B 240 -11.02 2.51 -19.62
C PRO B 240 -11.82 3.19 -18.52
N GLY B 241 -11.56 4.45 -18.20
CA GLY B 241 -12.30 5.12 -17.15
C GLY B 241 -12.39 6.61 -17.41
N TYR B 242 -13.32 7.24 -16.68
CA TYR B 242 -13.79 8.58 -17.02
C TYR B 242 -13.96 9.38 -15.74
N SER B 243 -13.93 10.71 -15.88
CA SER B 243 -14.22 11.59 -14.75
C SER B 243 -15.04 12.80 -15.22
N VAL B 244 -15.39 13.63 -14.24
CA VAL B 244 -16.16 14.87 -14.44
C VAL B 244 -15.50 16.01 -13.68
N PRO B 245 -15.71 17.26 -14.11
CA PRO B 245 -15.23 18.40 -13.32
C PRO B 245 -15.81 18.37 -11.92
N ALA B 246 -14.99 18.76 -10.95
CA ALA B 246 -15.39 18.76 -9.55
C ALA B 246 -14.52 19.76 -8.80
N ALA B 247 -15.12 20.40 -7.80
CA ALA B 247 -14.43 21.32 -6.93
C ALA B 247 -13.72 20.55 -5.81
N GLU B 248 -12.73 21.22 -5.20
CA GLU B 248 -12.14 20.80 -3.92
C GLU B 248 -12.23 21.97 -2.94
N HIS B 249 -11.83 21.76 -1.68
CA HIS B 249 -12.00 22.86 -0.73
C HIS B 249 -11.17 24.06 -1.11
N SER B 250 -10.01 23.90 -1.76
CA SER B 250 -9.23 25.09 -2.11
C SER B 250 -9.98 25.98 -3.10
N THR B 251 -10.73 25.39 -4.05
CA THR B 251 -11.39 26.24 -5.04
C THR B 251 -12.66 26.87 -4.52
N ILE B 252 -13.18 26.42 -3.37
CA ILE B 252 -14.27 27.14 -2.69
C ILE B 252 -13.71 28.15 -1.70
N THR B 253 -12.83 27.69 -0.80
CA THR B 253 -12.39 28.55 0.29
C THR B 253 -11.49 29.68 -0.19
N ALA B 254 -10.84 29.55 -1.35
CA ALA B 254 -10.03 30.66 -1.87
C ALA B 254 -10.83 31.92 -2.09
N TRP B 255 -12.15 31.82 -2.26
CA TRP B 255 -12.97 32.99 -2.50
C TRP B 255 -13.22 33.79 -1.24
N GLY B 256 -12.93 33.23 -0.07
CA GLY B 256 -13.24 33.88 1.17
C GLY B 256 -14.49 33.33 1.81
N LYS B 257 -14.47 33.27 3.15
CA LYS B 257 -15.58 32.73 3.91
C LYS B 257 -16.91 33.38 3.54
N ASP B 258 -16.93 34.68 3.28
CA ASP B 258 -18.21 35.34 2.98
C ASP B 258 -18.64 35.17 1.54
N HIS B 259 -17.88 34.47 0.70
CA HIS B 259 -18.15 34.42 -0.72
C HIS B 259 -18.35 32.99 -1.23
N GLU B 260 -18.77 32.06 -0.36
CA GLU B 260 -19.08 30.71 -0.81
C GLU B 260 -20.09 30.69 -1.97
N LYS B 261 -21.13 31.52 -1.89
CA LYS B 261 -22.13 31.55 -2.96
C LYS B 261 -21.52 31.98 -4.28
N ASP B 262 -20.60 32.97 -4.24
CA ASP B 262 -19.90 33.39 -5.44
C ASP B 262 -19.08 32.25 -6.03
N ALA B 263 -18.40 31.47 -5.18
CA ALA B 263 -17.64 30.33 -5.67
C ALA B 263 -18.56 29.33 -6.38
N PHE B 264 -19.66 28.97 -5.73
CA PHE B 264 -20.60 28.00 -6.31
C PHE B 264 -21.11 28.52 -7.66
N GLU B 265 -21.49 29.78 -7.71
CA GLU B 265 -22.07 30.32 -8.94
C GLU B 265 -21.05 30.33 -10.07
N HIS B 266 -19.82 30.74 -9.77
CA HIS B 266 -18.77 30.73 -10.78
C HIS B 266 -18.56 29.32 -11.31
N ILE B 267 -18.53 28.33 -10.42
CA ILE B 267 -18.13 26.99 -10.83
C ILE B 267 -19.23 26.33 -11.66
N VAL B 268 -20.49 26.44 -11.25
CA VAL B 268 -21.54 25.77 -12.03
C VAL B 268 -21.73 26.48 -13.36
N THR B 269 -21.39 27.77 -13.45
CA THR B 269 -21.50 28.49 -14.71
C THR B 269 -20.35 28.15 -15.65
N GLN B 270 -19.15 27.97 -15.10
CA GLN B 270 -18.01 27.51 -15.90
C GLN B 270 -18.28 26.14 -16.52
N PHE B 271 -18.99 25.27 -15.80
CA PHE B 271 -19.26 23.92 -16.26
C PHE B 271 -20.76 23.73 -16.41
N SER B 272 -21.38 24.56 -17.26
CA SER B 272 -22.84 24.60 -17.33
C SER B 272 -23.42 23.46 -18.16
N SER B 273 -22.63 22.79 -19.00
CA SER B 273 -23.15 21.79 -19.93
C SER B 273 -22.54 20.41 -19.74
N VAL B 274 -21.79 20.18 -18.66
CA VAL B 274 -21.35 18.85 -18.28
C VAL B 274 -21.75 18.62 -16.83
N PRO B 275 -21.74 17.37 -16.35
CA PRO B 275 -21.95 17.17 -14.91
C PRO B 275 -20.86 17.88 -14.14
N VAL B 276 -21.23 18.44 -12.98
CA VAL B 276 -20.24 19.11 -12.14
C VAL B 276 -20.54 18.80 -10.68
N SER B 277 -19.52 18.32 -9.96
CA SER B 277 -19.59 18.03 -8.54
C SER B 277 -19.04 19.23 -7.76
N VAL B 278 -19.77 19.67 -6.74
CA VAL B 278 -19.37 20.85 -5.99
C VAL B 278 -19.41 20.53 -4.50
N VAL B 279 -18.24 20.44 -3.89
CA VAL B 279 -18.14 20.17 -2.45
C VAL B 279 -18.76 21.32 -1.66
N SER B 280 -19.64 20.98 -0.73
CA SER B 280 -20.60 21.93 -0.19
C SER B 280 -20.52 22.08 1.33
N ASP B 281 -19.48 21.51 1.96
CA ASP B 281 -19.40 21.41 3.40
C ASP B 281 -18.27 22.27 3.99
N SER B 282 -17.67 23.17 3.21
CA SER B 282 -16.57 23.99 3.71
C SER B 282 -16.86 24.63 5.06
N TYR B 283 -18.07 25.17 5.23
CA TYR B 283 -18.48 25.84 6.46
C TYR B 283 -19.74 25.26 7.08
N ASP B 284 -20.79 25.02 6.30
CA ASP B 284 -22.01 24.45 6.86
C ASP B 284 -22.78 23.80 5.69
N ILE B 285 -22.62 22.49 5.57
CA ILE B 285 -23.24 21.72 4.47
C ILE B 285 -24.75 21.92 4.43
N TYR B 286 -25.38 22.01 5.59
CA TYR B 286 -26.84 22.08 5.62
C TYR B 286 -27.35 23.45 5.19
N ASN B 287 -26.67 24.52 5.62
CA ASN B 287 -26.95 25.86 5.08
C ASN B 287 -26.69 25.92 3.58
N ALA B 288 -25.58 25.35 3.12
CA ALA B 288 -25.31 25.37 1.70
C ALA B 288 -26.44 24.73 0.91
N CYS B 289 -26.96 23.61 1.41
CA CYS B 289 -28.00 22.91 0.65
C CYS B 289 -29.32 23.65 0.72
N GLU B 290 -29.73 24.12 1.91
CA GLU B 290 -31.07 24.67 2.04
C GLU B 290 -31.14 26.11 1.53
N LYS B 291 -30.12 26.91 1.82
CA LYS B 291 -30.18 28.34 1.53
C LYS B 291 -29.41 28.72 0.28
N ILE B 292 -28.21 28.19 0.06
CA ILE B 292 -27.45 28.63 -1.11
C ILE B 292 -27.95 27.93 -2.36
N TRP B 293 -27.86 26.60 -2.41
CA TRP B 293 -28.39 25.88 -3.56
C TRP B 293 -29.91 25.95 -3.61
N GLY B 294 -30.56 25.82 -2.45
CA GLY B 294 -32.00 25.67 -2.43
C GLY B 294 -32.79 26.95 -2.61
N GLU B 295 -32.14 28.10 -2.47
CA GLU B 295 -32.81 29.39 -2.62
C GLU B 295 -32.00 30.34 -3.51
N ASP B 296 -30.84 30.77 -3.03
CA ASP B 296 -30.07 31.81 -3.73
C ASP B 296 -29.72 31.40 -5.15
N LEU B 297 -29.24 30.18 -5.35
CA LEU B 297 -28.77 29.74 -6.66
C LEU B 297 -29.69 28.71 -7.31
N ARG B 298 -30.90 28.51 -6.77
CA ARG B 298 -31.80 27.50 -7.30
C ARG B 298 -32.08 27.71 -8.79
N HIS B 299 -32.09 28.95 -9.25
CA HIS B 299 -32.40 29.22 -10.65
C HIS B 299 -31.32 28.72 -11.59
N LEU B 300 -30.08 28.55 -11.10
CA LEU B 300 -28.99 27.99 -11.90
C LEU B 300 -28.99 26.47 -11.91
N ILE B 301 -29.75 25.84 -11.03
CA ILE B 301 -29.83 24.39 -10.92
C ILE B 301 -30.98 23.83 -11.72
N VAL B 302 -32.18 24.39 -11.55
CA VAL B 302 -33.36 23.82 -12.21
C VAL B 302 -33.34 24.01 -13.71
N SER B 303 -32.41 24.80 -14.22
CA SER B 303 -32.23 25.00 -15.64
C SER B 303 -31.29 24.00 -16.29
N ARG B 304 -30.63 23.13 -15.52
CA ARG B 304 -29.59 22.28 -16.06
C ARG B 304 -30.18 21.04 -16.74
N SER B 305 -29.39 20.47 -17.65
CA SER B 305 -29.76 19.29 -18.43
C SER B 305 -29.65 18.01 -17.60
N THR B 306 -30.41 17.00 -18.02
CA THR B 306 -30.32 15.68 -17.42
C THR B 306 -28.95 15.05 -17.63
N GLN B 307 -28.27 15.43 -18.70
CA GLN B 307 -26.93 14.97 -18.98
C GLN B 307 -25.86 15.81 -18.26
N ALA B 308 -26.26 16.84 -17.52
CA ALA B 308 -25.31 17.75 -16.88
C ALA B 308 -25.83 18.21 -15.52
N PRO B 309 -26.10 17.27 -14.62
CA PRO B 309 -26.62 17.64 -13.31
C PRO B 309 -25.58 18.38 -12.49
N LEU B 310 -26.08 19.10 -11.48
CA LEU B 310 -25.28 19.46 -10.32
C LEU B 310 -25.22 18.27 -9.40
N ILE B 311 -24.00 17.89 -9.00
CA ILE B 311 -23.80 16.83 -8.01
C ILE B 311 -23.28 17.49 -6.74
N ILE B 312 -24.11 17.55 -5.71
CA ILE B 312 -23.72 18.14 -4.44
C ILE B 312 -22.91 17.12 -3.65
N ARG B 313 -21.77 17.56 -3.08
CA ARG B 313 -20.84 16.65 -2.39
C ARG B 313 -20.65 17.06 -0.94
N PRO B 314 -21.29 16.39 0.00
CA PRO B 314 -20.88 16.50 1.40
C PRO B 314 -19.52 15.83 1.55
N ASP B 315 -18.78 16.24 2.58
CA ASP B 315 -17.45 15.65 2.77
C ASP B 315 -17.04 15.59 4.24
N SER B 316 -18.00 15.49 5.15
CA SER B 316 -17.68 15.49 6.58
C SER B 316 -18.93 15.11 7.38
N GLY B 317 -18.70 14.75 8.64
CA GLY B 317 -19.78 14.32 9.50
C GLY B 317 -20.02 12.84 9.39
N ASN B 318 -20.98 12.36 10.16
CA ASN B 318 -21.33 10.95 10.08
C ASN B 318 -21.85 10.62 8.67
N PRO B 319 -21.26 9.66 7.96
CA PRO B 319 -21.65 9.49 6.54
C PRO B 319 -23.12 9.20 6.33
N LEU B 320 -23.74 8.31 7.14
CA LEU B 320 -25.15 8.00 6.96
C LEU B 320 -26.02 9.20 7.34
N ASP B 321 -25.82 9.75 8.54
CA ASP B 321 -26.67 10.86 9.00
C ASP B 321 -26.61 12.03 8.03
N THR B 322 -25.42 12.33 7.52
CA THR B 322 -25.23 13.47 6.62
C THR B 322 -25.96 13.25 5.29
N VAL B 323 -25.81 12.06 4.70
CA VAL B 323 -26.53 11.79 3.44
C VAL B 323 -28.04 11.93 3.63
N LEU B 324 -28.58 11.36 4.72
CA LEU B 324 -30.03 11.38 4.92
C LEU B 324 -30.53 12.80 5.13
N LYS B 325 -29.76 13.62 5.87
CA LYS B 325 -30.21 14.98 6.13
C LYS B 325 -30.08 15.85 4.87
N VAL B 326 -29.00 15.67 4.10
CA VAL B 326 -28.90 16.35 2.81
C VAL B 326 -30.10 16.00 1.93
N LEU B 327 -30.46 14.72 1.87
CA LEU B 327 -31.59 14.33 1.01
C LEU B 327 -32.90 14.97 1.50
N GLU B 328 -33.12 14.97 2.82
N GLU B 328 -33.14 14.98 2.81
CA GLU B 328 -34.33 15.59 3.35
CA GLU B 328 -34.37 15.58 3.30
C GLU B 328 -34.37 17.07 3.01
C GLU B 328 -34.39 17.08 3.00
N ILE B 329 -33.24 17.76 3.16
CA ILE B 329 -33.21 19.18 2.82
C ILE B 329 -33.57 19.39 1.36
N LEU B 330 -32.90 18.66 0.46
CA LEU B 330 -33.09 18.86 -0.96
C LEU B 330 -34.50 18.49 -1.41
N GLY B 331 -35.09 17.47 -0.78
CA GLY B 331 -36.45 17.06 -1.13
C GLY B 331 -37.50 18.08 -0.73
N LYS B 332 -37.17 19.01 0.17
CA LYS B 332 -38.12 20.05 0.52
C LYS B 332 -37.91 21.32 -0.29
N LYS B 333 -36.78 21.46 -0.99
CA LYS B 333 -36.52 22.63 -1.82
C LYS B 333 -36.66 22.37 -3.32
N PHE B 334 -36.67 21.11 -3.75
CA PHE B 334 -36.74 20.76 -5.15
C PHE B 334 -37.88 19.79 -5.38
N PRO B 335 -38.43 19.73 -6.59
CA PRO B 335 -39.56 18.83 -6.84
C PRO B 335 -39.11 17.37 -6.82
N VAL B 336 -39.71 16.59 -5.95
CA VAL B 336 -39.42 15.17 -5.81
C VAL B 336 -40.55 14.37 -6.45
N THR B 337 -40.19 13.31 -7.17
CA THR B 337 -41.17 12.37 -7.69
C THR B 337 -41.09 11.06 -6.91
N GLU B 338 -42.08 10.20 -7.14
CA GLU B 338 -42.06 8.84 -6.62
C GLU B 338 -42.02 7.89 -7.80
N ASN B 339 -40.99 7.05 -7.85
CA ASN B 339 -40.80 6.16 -8.99
C ASN B 339 -41.75 4.97 -8.88
N SER B 340 -41.68 4.08 -9.88
CA SER B 340 -42.66 3.02 -9.96
C SER B 340 -42.50 1.98 -8.86
N LYS B 341 -41.39 2.00 -8.13
CA LYS B 341 -41.18 1.11 -7.01
C LYS B 341 -41.61 1.74 -5.69
N GLY B 342 -42.01 3.00 -5.70
CA GLY B 342 -42.46 3.66 -4.50
C GLY B 342 -41.41 4.52 -3.83
N TYR B 343 -40.24 4.70 -4.43
CA TYR B 343 -39.13 5.40 -3.82
C TYR B 343 -38.98 6.82 -4.37
N LYS B 344 -38.50 7.71 -3.50
CA LYS B 344 -38.40 9.12 -3.83
C LYS B 344 -37.20 9.38 -4.72
N LEU B 345 -37.38 10.29 -5.68
CA LEU B 345 -36.39 10.59 -6.71
C LEU B 345 -36.25 12.09 -6.89
N LEU B 346 -35.05 12.61 -6.71
CA LEU B 346 -34.77 14.02 -6.96
C LEU B 346 -34.92 14.30 -8.46
N PRO B 347 -35.10 15.56 -8.85
CA PRO B 347 -35.16 15.86 -10.29
C PRO B 347 -33.88 15.48 -10.99
N PRO B 348 -33.91 15.24 -12.30
CA PRO B 348 -32.74 14.66 -12.99
C PRO B 348 -31.52 15.59 -13.04
N TYR B 349 -31.70 16.88 -12.81
CA TYR B 349 -30.61 17.84 -12.83
C TYR B 349 -29.88 17.93 -11.47
N LEU B 350 -30.23 17.09 -10.50
CA LEU B 350 -29.68 17.20 -9.14
C LEU B 350 -29.40 15.83 -8.56
N ARG B 351 -28.15 15.61 -8.13
CA ARG B 351 -27.71 14.36 -7.55
C ARG B 351 -26.78 14.65 -6.38
N VAL B 352 -26.41 13.59 -5.64
CA VAL B 352 -25.55 13.69 -4.46
C VAL B 352 -24.43 12.66 -4.61
N ILE B 353 -23.23 13.03 -4.21
CA ILE B 353 -22.12 12.08 -4.09
C ILE B 353 -21.54 12.17 -2.69
N GLN B 354 -21.47 11.02 -2.01
N GLN B 354 -21.46 11.02 -2.00
CA GLN B 354 -20.81 10.90 -0.71
CA GLN B 354 -20.82 10.94 -0.70
C GLN B 354 -19.41 10.33 -0.93
C GLN B 354 -19.43 10.33 -0.87
N GLY B 355 -18.39 11.13 -0.62
CA GLY B 355 -17.01 10.70 -0.84
C GLY B 355 -16.13 10.72 0.38
N ASP B 356 -16.72 10.82 1.57
CA ASP B 356 -15.99 10.80 2.83
C ASP B 356 -16.36 9.56 3.63
N GLY B 357 -15.36 8.88 4.19
CA GLY B 357 -15.60 7.74 5.06
C GLY B 357 -16.22 6.53 4.40
N VAL B 358 -16.06 6.35 3.10
CA VAL B 358 -16.71 5.28 2.37
C VAL B 358 -15.80 4.06 2.30
N ASP B 359 -16.28 2.96 2.88
CA ASP B 359 -15.73 1.64 2.64
C ASP B 359 -16.91 0.68 2.48
N ILE B 360 -16.61 -0.62 2.31
CA ILE B 360 -17.68 -1.55 2.00
C ILE B 360 -18.74 -1.58 3.11
N ASN B 361 -18.32 -1.36 4.36
CA ASN B 361 -19.26 -1.39 5.47
C ASN B 361 -20.15 -0.15 5.51
N THR B 362 -19.58 1.04 5.35
CA THR B 362 -20.42 2.23 5.40
C THR B 362 -21.24 2.38 4.11
N LEU B 363 -20.75 1.85 3.00
CA LEU B 363 -21.56 1.87 1.78
C LEU B 363 -22.86 1.10 2.00
N GLN B 364 -22.75 -0.11 2.56
CA GLN B 364 -23.94 -0.90 2.90
C GLN B 364 -24.84 -0.15 3.90
N GLU B 365 -24.25 0.45 4.93
CA GLU B 365 -25.05 1.19 5.91
CA GLU B 365 -25.03 1.21 5.90
C GLU B 365 -25.84 2.30 5.23
N ILE B 366 -25.21 3.01 4.30
CA ILE B 366 -25.87 4.17 3.69
C ILE B 366 -27.01 3.73 2.77
N VAL B 367 -26.77 2.74 1.90
CA VAL B 367 -27.85 2.37 0.99
C VAL B 367 -29.01 1.71 1.74
N GLU B 368 -28.73 0.95 2.81
CA GLU B 368 -29.81 0.42 3.64
C GLU B 368 -30.56 1.55 4.35
N GLY B 369 -29.84 2.55 4.85
CA GLY B 369 -30.51 3.66 5.52
C GLY B 369 -31.36 4.46 4.55
N MET B 370 -30.88 4.67 3.33
CA MET B 370 -31.68 5.32 2.30
C MET B 370 -32.95 4.52 2.01
N LYS B 371 -32.82 3.21 1.85
CA LYS B 371 -33.98 2.38 1.55
C LYS B 371 -35.03 2.50 2.65
N GLN B 372 -34.59 2.48 3.92
CA GLN B 372 -35.56 2.58 5.01
C GLN B 372 -36.28 3.92 5.03
N LYS B 373 -35.60 4.99 4.60
CA LYS B 373 -36.23 6.30 4.49
C LYS B 373 -36.88 6.54 3.12
N MET B 374 -37.04 5.49 2.31
CA MET B 374 -37.74 5.51 1.03
C MET B 374 -37.07 6.40 -0.02
N TRP B 375 -35.75 6.52 -0.01
CA TRP B 375 -35.01 7.22 -1.05
C TRP B 375 -34.41 6.23 -2.04
N SER B 376 -34.60 6.46 -3.34
CA SER B 376 -34.03 5.57 -4.35
C SER B 376 -32.50 5.70 -4.37
N ILE B 377 -31.82 4.58 -4.63
CA ILE B 377 -30.36 4.63 -4.81
C ILE B 377 -29.99 5.34 -6.11
N GLU B 378 -30.97 5.60 -6.99
CA GLU B 378 -30.72 6.48 -8.12
C GLU B 378 -30.16 7.85 -7.72
N ASN B 379 -30.49 8.33 -6.52
CA ASN B 379 -30.14 9.68 -6.09
C ASN B 379 -28.68 9.85 -5.70
N ILE B 380 -27.97 8.76 -5.43
CA ILE B 380 -26.68 8.78 -4.73
C ILE B 380 -25.61 8.08 -5.57
N ALA B 381 -24.39 8.58 -5.43
CA ALA B 381 -23.19 7.91 -5.87
C ALA B 381 -22.18 8.05 -4.76
N PHE B 382 -21.10 7.26 -4.85
CA PHE B 382 -20.08 7.23 -3.82
C PHE B 382 -18.70 7.46 -4.43
N GLY B 383 -17.83 8.11 -3.64
CA GLY B 383 -16.41 8.11 -3.91
C GLY B 383 -15.68 7.50 -2.72
N SER B 384 -14.59 6.79 -3.01
CA SER B 384 -13.87 6.06 -1.96
C SER B 384 -12.41 6.06 -2.32
N GLY B 385 -11.54 6.43 -1.37
CA GLY B 385 -10.11 6.44 -1.62
C GLY B 385 -9.39 5.34 -0.86
N GLY B 386 -9.03 5.64 0.39
CA GLY B 386 -8.34 4.64 1.20
C GLY B 386 -9.14 3.35 1.38
N GLY B 387 -10.45 3.47 1.59
CA GLY B 387 -11.25 2.25 1.75
C GLY B 387 -11.19 1.35 0.53
N LEU B 388 -11.04 1.93 -0.65
CA LEU B 388 -11.01 1.22 -1.92
C LEU B 388 -9.63 0.67 -2.28
N LEU B 389 -8.56 1.45 -2.02
CA LEU B 389 -7.24 1.14 -2.55
C LEU B 389 -6.16 0.91 -1.50
N GLN B 390 -6.34 1.34 -0.25
CA GLN B 390 -5.24 1.25 0.72
C GLN B 390 -5.55 0.44 1.96
N LYS B 391 -6.79 0.47 2.47
CA LYS B 391 -7.15 -0.21 3.72
C LYS B 391 -7.48 -1.68 3.42
N LEU B 392 -6.45 -2.37 2.93
CA LEU B 392 -6.52 -3.77 2.48
C LEU B 392 -5.16 -4.39 2.75
N THR B 393 -5.16 -5.66 3.15
CA THR B 393 -3.92 -6.40 3.37
C THR B 393 -4.06 -7.79 2.80
N ARG B 394 -2.92 -8.50 2.76
CA ARG B 394 -2.86 -9.87 2.28
C ARG B 394 -3.68 -10.81 3.14
N ASP B 395 -4.02 -10.38 4.37
CA ASP B 395 -4.83 -11.19 5.27
C ASP B 395 -6.31 -11.24 4.89
N LEU B 396 -6.80 -10.28 4.12
CA LEU B 396 -8.22 -10.20 3.83
C LEU B 396 -8.70 -11.44 3.09
N LEU B 397 -8.00 -11.79 2.01
CA LEU B 397 -8.26 -13.05 1.31
C LEU B 397 -7.26 -14.15 1.67
N ASN B 398 -6.32 -13.86 2.56
CA ASN B 398 -5.38 -14.87 3.05
C ASN B 398 -4.60 -15.51 1.90
N CYS B 399 -3.98 -14.66 1.10
CA CYS B 399 -3.19 -15.08 -0.04
C CYS B 399 -1.86 -15.70 0.39
N SER B 400 -1.52 -16.83 -0.23
CA SER B 400 -0.42 -17.66 0.20
C SER B 400 0.18 -18.44 -0.98
N PHE B 401 1.52 -18.56 -0.97
CA PHE B 401 2.31 -19.24 -2.01
C PHE B 401 3.11 -20.32 -1.30
N LYS B 402 2.96 -21.57 -1.74
CA LYS B 402 3.61 -22.68 -1.06
C LYS B 402 4.07 -23.74 -2.06
N CYS B 403 5.15 -24.44 -1.69
CA CYS B 403 5.62 -25.60 -2.43
C CYS B 403 4.78 -26.82 -2.10
N SER B 404 4.30 -27.47 -3.16
CA SER B 404 3.48 -28.68 -3.02
C SER B 404 4.09 -29.92 -3.67
N TYR B 405 5.18 -29.79 -4.44
CA TYR B 405 5.73 -30.95 -5.12
C TYR B 405 7.20 -30.70 -5.40
N VAL B 406 8.03 -31.73 -5.19
CA VAL B 406 9.44 -31.67 -5.54
C VAL B 406 9.84 -33.00 -6.15
N VAL B 407 10.90 -32.97 -6.95
CA VAL B 407 11.54 -34.19 -7.45
C VAL B 407 12.96 -34.23 -6.90
N THR B 408 13.28 -35.31 -6.17
CA THR B 408 14.57 -35.52 -5.54
C THR B 408 15.03 -36.94 -5.87
N ASN B 409 16.25 -37.06 -6.39
CA ASN B 409 16.77 -38.34 -6.89
C ASN B 409 15.82 -38.99 -7.88
N GLY B 410 15.20 -38.15 -8.71
CA GLY B 410 14.31 -38.57 -9.77
C GLY B 410 12.94 -39.04 -9.33
N LEU B 411 12.63 -38.98 -8.03
CA LEU B 411 11.35 -39.39 -7.47
C LEU B 411 10.55 -38.16 -7.07
N GLY B 412 9.30 -38.07 -7.55
CA GLY B 412 8.41 -36.99 -7.13
C GLY B 412 7.82 -37.29 -5.77
N ILE B 413 7.78 -36.26 -4.92
CA ILE B 413 7.16 -36.40 -3.62
C ILE B 413 6.21 -35.23 -3.39
N ASN B 414 5.08 -35.54 -2.77
CA ASN B 414 4.04 -34.58 -2.47
C ASN B 414 4.39 -33.98 -1.12
N VAL B 415 4.52 -32.65 -1.05
CA VAL B 415 4.97 -31.99 0.16
C VAL B 415 4.00 -30.88 0.56
N PHE B 416 4.07 -30.50 1.83
CA PHE B 416 3.02 -29.67 2.41
C PHE B 416 3.42 -29.29 3.83
N LYS B 417 2.82 -28.21 4.33
CA LYS B 417 2.86 -27.86 5.74
C LYS B 417 1.50 -28.14 6.37
N ASP B 418 1.52 -28.37 7.68
CA ASP B 418 0.30 -28.66 8.45
C ASP B 418 0.55 -28.32 9.92
N PRO B 419 0.68 -27.04 10.26
CA PRO B 419 1.05 -26.68 11.64
C PRO B 419 0.00 -27.12 12.65
N VAL B 420 0.48 -27.69 13.76
CA VAL B 420 -0.41 -28.29 14.77
C VAL B 420 -1.40 -27.27 15.33
N ALA B 421 -0.99 -26.02 15.51
CA ALA B 421 -1.86 -25.04 16.15
C ALA B 421 -2.69 -24.21 15.19
N ASP B 422 -2.62 -24.43 13.88
CA ASP B 422 -3.45 -23.68 12.94
C ASP B 422 -3.73 -24.51 11.70
N PRO B 423 -4.78 -25.33 11.73
CA PRO B 423 -5.18 -26.08 10.54
C PRO B 423 -5.45 -25.21 9.31
N ASN B 424 -5.78 -23.93 9.50
CA ASN B 424 -6.03 -23.07 8.37
C ASN B 424 -4.76 -22.69 7.62
N LYS B 425 -3.58 -23.01 8.16
CA LYS B 425 -2.33 -22.85 7.40
C LYS B 425 -1.90 -24.14 6.69
N ARG B 426 -2.70 -25.22 6.75
N ARG B 426 -2.71 -25.20 6.74
CA ARG B 426 -2.38 -26.41 6.00
CA ARG B 426 -2.42 -26.40 5.98
C ARG B 426 -2.39 -26.09 4.51
C ARG B 426 -2.39 -26.07 4.49
N SER B 427 -1.39 -26.60 3.79
CA SER B 427 -1.27 -26.40 2.36
C SER B 427 -1.58 -27.68 1.59
N LYS B 428 -1.82 -27.54 0.27
CA LYS B 428 -2.21 -28.64 -0.60
C LYS B 428 -1.00 -29.50 -0.98
N LYS B 429 -1.28 -30.72 -1.43
CA LYS B 429 -0.24 -31.74 -1.68
C LYS B 429 -0.15 -32.08 -3.16
N GLY B 430 1.06 -32.08 -3.70
CA GLY B 430 1.33 -32.62 -5.00
C GLY B 430 1.02 -31.69 -6.15
N ARG B 431 0.95 -32.30 -7.33
CA ARG B 431 0.67 -31.55 -8.54
C ARG B 431 -0.81 -31.22 -8.59
N LEU B 432 -1.13 -29.99 -8.95
CA LEU B 432 -2.48 -29.43 -8.82
C LEU B 432 -3.08 -29.13 -10.18
N SER B 433 -4.41 -29.13 -10.23
CA SER B 433 -5.14 -28.70 -11.40
C SER B 433 -6.50 -28.19 -10.96
N LEU B 434 -7.11 -27.35 -11.78
CA LEU B 434 -8.39 -26.72 -11.50
C LEU B 434 -9.43 -27.18 -12.52
N HIS B 435 -10.62 -27.56 -12.02
CA HIS B 435 -11.65 -28.15 -12.87
C HIS B 435 -13.03 -27.61 -12.52
N ARG B 436 -13.94 -27.68 -13.49
CA ARG B 436 -15.34 -27.51 -13.17
C ARG B 436 -15.92 -28.84 -12.72
N THR B 437 -16.83 -28.76 -11.74
CA THR B 437 -17.51 -29.93 -11.21
C THR B 437 -18.72 -30.25 -12.05
N PRO B 438 -19.32 -31.42 -11.88
CA PRO B 438 -20.54 -31.73 -12.63
C PRO B 438 -21.64 -30.70 -12.45
N ALA B 439 -21.74 -30.07 -11.29
CA ALA B 439 -22.71 -29.03 -11.06
C ALA B 439 -22.25 -27.64 -11.51
N GLY B 440 -21.08 -27.52 -12.13
CA GLY B 440 -20.65 -26.24 -12.64
C GLY B 440 -19.86 -25.38 -11.67
N ASN B 441 -19.46 -25.91 -10.54
CA ASN B 441 -18.64 -25.20 -9.56
C ASN B 441 -17.17 -25.48 -9.88
N PHE B 442 -16.29 -25.16 -8.95
CA PHE B 442 -14.86 -25.36 -9.14
C PHE B 442 -14.33 -26.35 -8.13
N VAL B 443 -13.33 -27.15 -8.53
CA VAL B 443 -12.61 -28.02 -7.62
C VAL B 443 -11.12 -28.02 -7.97
N THR B 444 -10.28 -28.00 -6.94
CA THR B 444 -8.85 -28.18 -7.11
C THR B 444 -8.50 -29.63 -6.79
N LEU B 445 -7.97 -30.34 -7.77
CA LEU B 445 -7.49 -31.71 -7.56
C LEU B 445 -6.01 -31.71 -7.19
N GLU B 446 -5.69 -32.51 -6.20
CA GLU B 446 -4.34 -32.65 -5.64
C GLU B 446 -3.70 -33.96 -6.07
N GLU B 447 -2.41 -34.09 -5.77
CA GLU B 447 -1.66 -35.35 -5.93
C GLU B 447 -1.68 -35.86 -7.38
N GLY B 448 -1.74 -34.92 -8.32
CA GLY B 448 -1.72 -35.25 -9.73
C GLY B 448 -2.97 -35.93 -10.23
N LYS B 449 -4.03 -35.93 -9.42
CA LYS B 449 -5.25 -36.65 -9.80
C LYS B 449 -5.96 -36.07 -11.03
N GLY B 450 -5.67 -34.82 -11.41
CA GLY B 450 -6.18 -34.32 -12.68
C GLY B 450 -5.78 -35.20 -13.85
N ASP B 451 -4.65 -35.91 -13.73
CA ASP B 451 -4.16 -36.77 -14.82
C ASP B 451 -5.11 -37.94 -15.10
N LEU B 452 -5.92 -38.33 -14.11
CA LEU B 452 -6.92 -39.37 -14.31
C LEU B 452 -8.03 -38.94 -15.26
N GLU B 453 -8.17 -37.63 -15.52
CA GLU B 453 -9.12 -37.12 -16.50
C GLU B 453 -10.56 -37.54 -16.20
N GLU B 454 -10.93 -37.52 -14.92
CA GLU B 454 -12.32 -37.75 -14.51
C GLU B 454 -13.12 -36.46 -14.47
N TYR B 455 -12.47 -35.32 -14.69
CA TYR B 455 -13.03 -34.01 -14.40
C TYR B 455 -12.85 -33.00 -15.53
N GLY B 456 -12.68 -33.46 -16.77
CA GLY B 456 -12.60 -32.48 -17.84
C GLY B 456 -11.28 -31.71 -17.80
N GLN B 457 -11.22 -30.65 -18.60
CA GLN B 457 -9.96 -29.98 -18.85
C GLN B 457 -9.52 -29.12 -17.66
N ASP B 458 -8.21 -29.13 -17.41
CA ASP B 458 -7.60 -28.19 -16.48
C ASP B 458 -7.86 -26.75 -16.94
N LEU B 459 -8.36 -25.91 -16.03
CA LEU B 459 -8.62 -24.51 -16.35
C LEU B 459 -7.38 -23.62 -16.21
N LEU B 460 -6.29 -24.11 -15.63
CA LEU B 460 -5.02 -23.38 -15.67
C LEU B 460 -4.44 -23.47 -17.08
N HIS B 461 -3.94 -22.34 -17.56
CA HIS B 461 -3.27 -22.23 -18.86
C HIS B 461 -1.85 -21.72 -18.69
N THR B 462 -0.91 -22.21 -19.51
CA THR B 462 0.44 -21.64 -19.45
C THR B 462 0.40 -20.19 -19.92
N VAL B 463 0.81 -19.27 -19.03
CA VAL B 463 0.92 -17.85 -19.36
C VAL B 463 2.36 -17.36 -19.47
N PHE B 464 3.33 -18.12 -18.95
CA PHE B 464 4.73 -17.74 -19.00
C PHE B 464 5.54 -19.03 -19.15
N LYS B 465 6.49 -19.02 -20.07
CA LYS B 465 7.40 -20.16 -20.19
C LYS B 465 8.73 -19.68 -20.77
N ASN B 466 9.81 -19.93 -20.03
CA ASN B 466 11.17 -19.68 -20.46
C ASN B 466 11.36 -18.25 -20.98
N GLY B 467 10.83 -17.29 -20.21
CA GLY B 467 11.09 -15.89 -20.47
C GLY B 467 10.10 -15.21 -21.38
N LYS B 468 9.12 -15.95 -21.88
CA LYS B 468 8.13 -15.44 -22.81
C LYS B 468 6.75 -15.48 -22.17
N VAL B 469 5.97 -14.43 -22.42
CA VAL B 469 4.56 -14.44 -22.09
C VAL B 469 3.82 -15.17 -23.20
N THR B 470 3.21 -16.30 -22.88
CA THR B 470 2.63 -17.20 -23.88
C THR B 470 1.13 -17.05 -24.07
N LYS B 471 0.44 -16.34 -23.17
CA LYS B 471 -1.01 -16.18 -23.27
C LYS B 471 -1.36 -14.89 -22.54
N SER B 472 -2.14 -14.02 -23.19
CA SER B 472 -2.46 -12.70 -22.68
C SER B 472 -3.94 -12.44 -22.84
N TYR B 473 -4.46 -11.54 -21.98
CA TYR B 473 -5.87 -11.18 -21.97
C TYR B 473 -6.03 -9.68 -22.15
N SER B 474 -7.03 -9.27 -22.92
CA SER B 474 -7.32 -7.85 -22.99
C SER B 474 -8.12 -7.42 -21.76
N PHE B 475 -8.12 -6.11 -21.50
CA PHE B 475 -8.90 -5.60 -20.38
C PHE B 475 -10.39 -5.81 -20.64
N ASP B 476 -10.82 -5.77 -21.90
CA ASP B 476 -12.22 -6.05 -22.21
C ASP B 476 -12.60 -7.49 -21.87
N GLU B 477 -11.72 -8.46 -22.15
CA GLU B 477 -12.00 -9.84 -21.79
C GLU B 477 -12.09 -10.01 -20.29
N ILE B 478 -11.19 -9.36 -19.55
CA ILE B 478 -11.20 -9.44 -18.10
C ILE B 478 -12.49 -8.89 -17.52
N ARG B 479 -12.95 -7.75 -18.02
CA ARG B 479 -14.21 -7.19 -17.57
C ARG B 479 -15.36 -8.16 -17.83
N LYS B 480 -15.36 -8.83 -19.00
CA LYS B 480 -16.43 -9.78 -19.29
C LYS B 480 -16.40 -10.93 -18.30
N ASN B 481 -15.20 -11.46 -18.02
CA ASN B 481 -15.08 -12.57 -17.11
C ASN B 481 -15.57 -12.21 -15.71
N ALA B 482 -15.41 -10.95 -15.30
CA ALA B 482 -15.72 -10.52 -13.94
C ALA B 482 -17.14 -9.97 -13.78
N GLN B 483 -17.97 -10.04 -14.81
N GLN B 483 -17.97 -10.01 -14.81
CA GLN B 483 -19.34 -9.51 -14.73
CA GLN B 483 -19.31 -9.42 -14.70
C GLN B 483 -20.10 -10.14 -13.57
C GLN B 483 -20.11 -10.12 -13.61
N LEU B 484 -21.06 -9.39 -13.04
CA LEU B 484 -21.99 -9.94 -12.07
C LEU B 484 -22.98 -10.85 -12.78
N ASN B 485 -23.54 -11.81 -12.05
CA ASN B 485 -24.51 -12.71 -12.66
C ASN B 485 -25.78 -11.96 -13.06
N ILE B 486 -26.49 -11.43 -12.06
CA ILE B 486 -27.78 -10.76 -12.24
C ILE B 486 -28.53 -11.25 -13.48
C1 GOL C . 15.00 15.84 16.99
O1 GOL C . 14.03 15.27 16.16
C2 GOL C . 15.18 17.28 16.52
O2 GOL C . 16.24 17.90 17.14
C3 GOL C . 13.84 17.93 16.87
O3 GOL C . 13.86 18.17 18.24
H11 GOL C . 14.76 15.84 17.93
H12 GOL C . 15.86 15.38 16.95
HO1 GOL C . 14.34 14.51 15.89
H2 GOL C . 15.36 17.31 15.57
HO2 GOL C . 15.94 18.34 17.80
H31 GOL C . 13.11 17.36 16.60
H32 GOL C . 13.74 18.75 16.34
MG MG D . -9.96 12.96 4.69
MG MG E . 5.15 -17.74 7.10
O3P NMN F . 3.52 -10.09 8.80
P NMN F . 3.01 -10.83 7.57
O1P NMN F . 1.75 -11.60 7.90
O2P NMN F . 2.84 -9.94 6.36
O5R NMN F . 4.20 -11.82 7.09
C5R NMN F . 4.74 -12.75 7.98
C4R NMN F . 5.29 -13.81 7.23
O4R NMN F . 6.53 -13.43 6.52
C3R NMN F . 5.83 -14.94 8.20
O3R NMN F . 4.82 -16.04 8.36
C2R NMN F . 6.97 -15.34 7.73
O2R NMN F . 7.03 -16.80 7.42
C1R NMN F . 7.28 -14.50 6.32
N1 NMN F . 8.67 -14.10 6.10
C2 NMN F . 9.77 -14.61 6.76
C3 NMN F . 11.03 -14.12 6.47
C7 NMN F . 12.24 -14.69 7.21
O7 NMN F . 12.11 -15.55 8.03
N7 NMN F . 13.54 -14.16 6.92
C4 NMN F . 11.19 -13.12 5.52
C5 NMN F . 10.10 -12.62 4.88
C6 NMN F . 8.85 -13.12 5.18
H5R1 NMN F . 5.45 -12.31 8.49
H5R2 NMN F . 4.06 -13.07 8.58
H4RC NMN F . 4.59 -14.13 6.63
H3RC NMN F . 6.00 -14.56 9.07
H3RO NMN F . 4.20 -15.80 8.89
H2RC NMN F . 7.61 -15.12 8.42
H2RO NMN F . 6.56 -17.23 7.98
H1RC NMN F . 7.04 -15.07 5.57
HC2 NMN F . 9.66 -15.29 7.39
HN71 NMN F . 13.63 -13.55 6.33
HN72 NMN F . 14.22 -14.48 7.33
HC4 NMN F . 12.04 -12.80 5.33
HC5 NMN F . 10.19 -11.94 4.25
HC6 NMN F . 8.11 -12.79 4.73
O11 PPV G . -9.24 13.61 2.93
P1 PPV G . -8.98 14.89 2.17
O21 PPV G . -10.09 15.06 1.15
O31 PPV G . -7.60 14.95 1.54
OPP PPV G . -9.16 16.10 3.25
P2 PPV G . -10.42 16.16 4.28
O12 PPV G . -11.71 16.13 3.46
O22 PPV G . -10.38 14.98 5.22
O32 PPV G . -10.32 17.46 5.09
MG MG H . 0.91 -15.56 6.72
MG MG I . -11.99 15.80 1.33
O3P NMN J . -8.94 8.17 1.36
P NMN J . -10.30 8.75 1.61
O1P NMN J . -11.38 7.80 1.15
O2P NMN J . -10.46 9.08 3.08
O5R NMN J . -10.35 10.11 0.71
C5R NMN J . -11.55 10.81 0.53
C4R NMN J . -11.22 12.13 0.14
O4R NMN J . -10.85 12.21 -1.31
C3R NMN J . -12.54 13.03 0.13
O3R NMN J . -12.59 13.76 1.44
C2R NMN J . -12.48 13.80 -0.88
O2R NMN J . -12.44 15.25 -0.55
C1R NMN J . -11.08 13.46 -1.70
N1 NMN J . -11.14 13.45 -3.13
C2 NMN J . -12.14 13.95 -3.90
C3 NMN J . -12.07 13.87 -5.27
C7 NMN J . -13.24 14.44 -6.09
O7 NMN J . -14.17 14.96 -5.55
N7 NMN J . -13.23 14.32 -7.52
C4 NMN J . -11.02 13.23 -5.88
C5 NMN J . -10.02 12.72 -5.10
C6 NMN J . -10.09 12.82 -3.73
H5R1 NMN J . -12.08 10.40 -0.15
H5R2 NMN J . -12.04 10.83 1.37
H4RC NMN J . -10.52 12.46 0.71
H3RC NMN J . -13.34 12.50 0.02
H3RO NMN J . -13.12 13.36 1.97
H2RC NMN J . -13.28 13.58 -1.40
H2RO NMN J . -12.97 15.41 0.10
H1RC NMN J . -10.43 14.12 -1.44
HC2 NMN J . -12.87 14.36 -3.50
HN71 NMN J . -13.89 14.63 -7.98
HN72 NMN J . -12.58 13.94 -7.91
HC4 NMN J . -10.98 13.15 -6.81
HC5 NMN J . -9.29 12.30 -5.50
HC6 NMN J . -9.42 12.45 -3.20
O11 PPV K . 3.67 -16.13 3.31
P1 PPV K . 3.46 -16.48 4.75
O21 PPV K . 2.58 -15.44 5.43
O31 PPV K . 4.78 -16.57 5.47
OPP PPV K . 2.66 -17.88 4.77
P2 PPV K . 2.07 -18.48 6.18
O12 PPV K . 1.61 -19.89 5.85
O22 PPV K . 3.21 -18.46 7.18
O32 PPV K . 0.90 -17.66 6.70
#